data_3JQ7
#
_entry.id   3JQ7
#
_cell.length_a   74.538
_cell.length_b   90.029
_cell.length_c   82.359
_cell.angle_alpha   90.000
_cell.angle_beta   115.490
_cell.angle_gamma   90.000
#
_symmetry.space_group_name_H-M   'P 1 21 1'
#
loop_
_entity.id
_entity.type
_entity.pdbx_description
1 polymer 'Pteridine reductase 1'
2 polymer 'Pteridine reductase 1'
3 non-polymer 'NADP NICOTINAMIDE-ADENINE-DINUCLEOTIDE PHOSPHATE'
4 non-polymer 6-phenylpteridine-2,4,7-triamine
5 non-polymer 'ACETATE ION'
6 non-polymer 2,3-DIHYDROXY-1,4-DITHIOBUTANE
7 water water
#
loop_
_entity_poly.entity_id
_entity_poly.type
_entity_poly.pdbx_seq_one_letter_code
_entity_poly.pdbx_strand_id
1 'polypeptide(L)'
;MGSSHHHHHHSSGLVPRGSHMEAPAAVVTGAAKRIGRAIAVKLHQTGYRVVIHYHNSAEAAVSLADELNKERSNTAVV
(CSX)QADLTNSNVLPASCEEIINSCFRAFGRCDVLVNNASAFYPTPLVQGDHEDNSNGKTVETQVAELIGTNAIAPFLL
TMSFAQRQKGTNPNCTSSNLSIVNLCDAMVDQP(CSX)MAFSLYNMGKHALVGLTQSAALELAPYGIRVNGVAPGVSLLP
VAMGEEEKDKWRRKVPLGRREASAEQIADAVIFLVSGSAQYITGSIIKVDGGLSLVHA
;
A,C,D
2 'polypeptide(L)'
;MGSSHHHHHHSSGLVPRGSHMEAPAAVVTGAAKRIGRAIAVKLHQTGYRVVIHYHNSAEAAVSLADELNKERSNTAVV
(CSX)QADLTNSNVLPASCEEIINSCFRAFGRCDVLVNNASAFYPTPLVQGDHEDNSNGKTVETQVAELIGTNAIAPFLL
TMSFAQRQKGTNPNCTSSNLSIVNLCDAMVDQPCMAFSLYNMGKHALVGLTQSAALELAPYGIRVNGVAPGVSLLPVAMG
EEEKDKWRRKVPLGRREASAEQIADAVIFLVSGSAQYITGSIIKVDGGLSLVHA
;
B
#
loop_
_chem_comp.id
_chem_comp.type
_chem_comp.name
_chem_comp.formula
ACT non-polymer 'ACETATE ION' 'C2 H3 O2 -1'
DTT non-polymer 2,3-DIHYDROXY-1,4-DITHIOBUTANE 'C4 H10 O2 S2'
DX2 non-polymer 6-phenylpteridine-2,4,7-triamine 'C12 H11 N7'
NAP non-polymer 'NADP NICOTINAMIDE-ADENINE-DINUCLEOTIDE PHOSPHATE' 'C21 H28 N7 O17 P3'
#
# COMPACT_ATOMS: atom_id res chain seq x y z
N GLU A 22 18.80 -13.06 34.13
CA GLU A 22 18.81 -11.57 34.26
C GLU A 22 17.70 -10.96 33.42
N ALA A 23 17.17 -9.83 33.90
CA ALA A 23 16.08 -9.13 33.22
C ALA A 23 16.62 -8.43 31.97
N PRO A 24 15.83 -8.42 30.88
CA PRO A 24 16.23 -7.74 29.66
C PRO A 24 16.17 -6.22 29.86
N ALA A 25 16.76 -5.46 28.95
CA ALA A 25 16.76 -4.00 29.06
C ALA A 25 16.29 -3.37 27.75
N ALA A 26 15.64 -2.22 27.87
CA ALA A 26 15.08 -1.49 26.73
C ALA A 26 15.45 0.00 26.78
N VAL A 27 15.69 0.59 25.61
CA VAL A 27 15.77 2.04 25.48
C VAL A 27 14.44 2.52 24.86
N VAL A 28 13.82 3.51 25.48
CA VAL A 28 12.64 4.16 24.90
C VAL A 28 12.97 5.64 24.76
N THR A 29 12.88 6.15 23.53
CA THR A 29 13.23 7.57 23.29
C THR A 29 11.99 8.40 23.55
N GLY A 30 12.18 9.63 24.04
CA GLY A 30 11.06 10.52 24.34
C GLY A 30 10.09 9.87 25.30
N ALA A 31 10.64 9.27 26.35
CA ALA A 31 9.86 8.43 27.29
C ALA A 31 9.35 9.15 28.55
N ALA A 32 9.55 10.46 28.62
CA ALA A 32 9.21 11.16 29.87
C ALA A 32 7.68 11.30 30.10
N LYS A 33 6.92 11.36 29.00
CA LYS A 33 5.49 11.59 29.10
CA LYS A 33 5.50 11.67 29.04
C LYS A 33 4.72 10.94 27.97
N ARG A 34 3.39 11.03 28.04
CA ARG A 34 2.53 10.64 26.93
C ARG A 34 2.78 9.18 26.49
N ILE A 35 2.89 8.92 25.18
CA ILE A 35 2.96 7.54 24.70
C ILE A 35 4.31 6.86 25.07
N GLY A 36 5.43 7.58 24.96
CA GLY A 36 6.72 7.03 25.38
C GLY A 36 6.74 6.58 26.84
N ARG A 37 6.17 7.38 27.74
CA ARG A 37 6.05 6.93 29.13
C ARG A 37 5.23 5.64 29.26
N ALA A 38 4.12 5.58 28.54
CA ALA A 38 3.24 4.42 28.63
C ALA A 38 3.96 3.16 28.18
N ILE A 39 4.75 3.29 27.11
CA ILE A 39 5.59 2.20 26.60
C ILE A 39 6.65 1.82 27.64
N ALA A 40 7.42 2.78 28.17
CA ALA A 40 8.42 2.46 29.20
C ALA A 40 7.76 1.80 30.42
N VAL A 41 6.62 2.35 30.89
CA VAL A 41 5.92 1.74 32.03
C VAL A 41 5.50 0.30 31.76
N LYS A 42 4.91 0.05 30.60
CA LYS A 42 4.46 -1.27 30.22
C LYS A 42 5.66 -2.24 30.06
N LEU A 43 6.75 -1.77 29.49
CA LEU A 43 7.93 -2.65 29.40
C LEU A 43 8.41 -2.95 30.82
N HIS A 44 8.46 -1.93 31.65
CA HIS A 44 8.92 -2.12 33.03
C HIS A 44 8.01 -3.14 33.75
N GLN A 45 6.70 -2.99 33.57
CA GLN A 45 5.72 -3.91 34.17
C GLN A 45 5.85 -5.36 33.68
N THR A 46 6.35 -5.53 32.46
CA THR A 46 6.57 -6.85 31.86
C THR A 46 7.91 -7.44 32.35
N GLY A 47 8.75 -6.63 32.98
CA GLY A 47 9.98 -7.12 33.57
C GLY A 47 11.30 -6.55 33.05
N TYR A 48 11.21 -5.58 32.13
CA TYR A 48 12.41 -4.92 31.57
C TYR A 48 12.95 -3.87 32.52
N ARG A 49 14.27 -3.70 32.48
CA ARG A 49 14.94 -2.50 32.94
C ARG A 49 14.90 -1.49 31.78
N VAL A 50 14.79 -0.20 32.08
CA VAL A 50 14.55 0.80 31.04
C VAL A 50 15.45 2.05 31.13
N VAL A 51 15.88 2.52 29.98
CA VAL A 51 16.51 3.83 29.84
C VAL A 51 15.41 4.76 29.37
N ILE A 52 15.12 5.78 30.18
CA ILE A 52 14.08 6.74 29.86
C ILE A 52 14.82 7.90 29.17
N HIS A 53 14.80 7.93 27.83
CA HIS A 53 15.46 9.02 27.12
C HIS A 53 14.51 10.21 27.16
N TYR A 54 15.07 11.40 27.26
CA TYR A 54 14.28 12.61 27.18
C TYR A 54 15.09 13.77 26.56
N HIS A 55 14.41 14.85 26.23
CA HIS A 55 15.11 16.00 25.65
C HIS A 55 14.96 17.17 26.62
N ASN A 56 13.78 17.81 26.64
CA ASN A 56 13.52 18.93 27.54
C ASN A 56 12.86 18.55 28.85
N SER A 57 12.10 17.45 28.85
CA SER A 57 11.25 17.09 30.02
C SER A 57 12.01 16.37 31.13
N ALA A 58 12.95 17.08 31.74
CA ALA A 58 13.84 16.54 32.76
C ALA A 58 13.10 16.12 34.03
N GLU A 59 12.19 16.99 34.48
CA GLU A 59 11.46 16.78 35.71
C GLU A 59 10.58 15.53 35.59
N ALA A 60 9.86 15.44 34.48
CA ALA A 60 8.96 14.32 34.19
C ALA A 60 9.74 12.99 34.06
N ALA A 61 10.88 13.03 33.36
CA ALA A 61 11.76 11.86 33.20
C ALA A 61 12.26 11.31 34.55
N VAL A 62 12.81 12.18 35.40
CA VAL A 62 13.33 11.77 36.71
C VAL A 62 12.19 11.26 37.60
N SER A 63 11.04 11.93 37.52
CA SER A 63 9.84 11.52 38.22
C SER A 63 9.41 10.11 37.82
N LEU A 64 9.46 9.80 36.53
CA LEU A 64 9.10 8.45 36.03
C LEU A 64 10.09 7.41 36.56
N ALA A 65 11.38 7.71 36.42
CA ALA A 65 12.43 6.83 36.90
C ALA A 65 12.29 6.55 38.40
N ASP A 66 12.01 7.60 39.18
CA ASP A 66 11.76 7.47 40.62
C ASP A 66 10.63 6.47 40.92
N GLU A 67 9.50 6.61 40.24
CA GLU A 67 8.38 5.68 40.40
C GLU A 67 8.77 4.24 40.06
N LEU A 68 9.45 4.06 38.94
CA LEU A 68 9.85 2.71 38.51
C LEU A 68 10.87 2.07 39.44
N ASN A 69 11.85 2.86 39.87
CA ASN A 69 12.85 2.40 40.82
C ASN A 69 12.30 2.07 42.21
N LYS A 70 11.24 2.77 42.62
CA LYS A 70 10.53 2.47 43.86
C LYS A 70 9.81 1.13 43.73
N GLU A 71 9.38 0.80 42.51
CA GLU A 71 8.76 -0.49 42.25
C GLU A 71 9.80 -1.63 42.31
N ARG A 72 10.93 -1.47 41.62
CA ARG A 72 12.04 -2.43 41.66
C ARG A 72 13.32 -1.62 41.60
N SER A 73 14.15 -1.74 42.64
CA SER A 73 15.40 -0.97 42.73
C SER A 73 16.35 -1.18 41.54
N ASN A 74 17.00 -0.10 41.12
CA ASN A 74 18.02 -0.14 40.07
C ASN A 74 17.51 -0.61 38.69
N THR A 75 16.25 -0.33 38.38
CA THR A 75 15.68 -0.80 37.11
C THR A 75 15.38 0.30 36.08
N ALA A 76 15.64 1.57 36.43
CA ALA A 76 15.38 2.70 35.50
C ALA A 76 16.46 3.77 35.64
N VAL A 77 16.91 4.29 34.50
CA VAL A 77 17.82 5.44 34.44
C VAL A 77 17.28 6.40 33.39
N VAL A 78 17.65 7.67 33.50
CA VAL A 78 17.28 8.66 32.50
C VAL A 78 18.50 8.98 31.62
N CSX A 79 18.23 9.51 30.43
CA CSX A 79 19.28 9.88 29.47
CB CSX A 79 19.61 8.62 28.66
SG CSX A 79 20.74 8.98 27.26
C CSX A 79 18.85 11.05 28.60
O CSX A 79 17.98 10.91 27.73
OD CSX A 79 22.42 8.77 27.75
N GLN A 80 19.45 12.21 28.84
CA GLN A 80 19.11 13.42 28.07
C GLN A 80 19.88 13.43 26.74
N ALA A 81 19.16 13.68 25.64
CA ALA A 81 19.78 13.93 24.34
C ALA A 81 18.85 14.66 23.37
N ASP A 82 19.41 15.65 22.69
CA ASP A 82 18.78 16.24 21.54
C ASP A 82 18.91 15.28 20.35
N LEU A 83 17.80 14.98 19.70
CA LEU A 83 17.81 14.09 18.54
C LEU A 83 17.65 14.81 17.20
N THR A 84 17.82 16.13 17.24
CA THR A 84 17.85 16.95 16.02
C THR A 84 19.03 16.49 15.18
N ASN A 85 18.87 16.49 13.84
CA ASN A 85 20.01 16.17 12.97
C ASN A 85 21.17 17.17 13.13
N SER A 86 22.38 16.66 13.24
CA SER A 86 23.58 17.50 13.29
C SER A 86 24.76 16.57 13.09
N ASN A 87 25.96 17.14 12.97
CA ASN A 87 27.14 16.29 12.80
C ASN A 87 27.51 15.52 14.07
N VAL A 88 26.92 15.88 15.21
CA VAL A 88 27.15 15.11 16.45
C VAL A 88 26.03 14.13 16.79
N LEU A 89 24.94 14.14 16.02
CA LEU A 89 23.85 13.20 16.28
C LEU A 89 24.33 11.74 16.34
N PRO A 90 25.23 11.32 15.43
CA PRO A 90 25.72 9.94 15.59
C PRO A 90 26.35 9.61 16.97
N ALA A 91 27.13 10.53 17.51
CA ALA A 91 27.70 10.34 18.85
C ALA A 91 26.60 10.31 19.92
N SER A 92 25.60 11.17 19.82
CA SER A 92 24.51 11.16 20.79
C SER A 92 23.76 9.84 20.79
N CYS A 93 23.50 9.32 19.58
CA CYS A 93 22.80 8.04 19.44
C CYS A 93 23.64 6.88 19.95
N GLU A 94 24.94 6.90 19.63
CA GLU A 94 25.87 5.92 20.18
C GLU A 94 25.81 5.91 21.71
N GLU A 95 25.78 7.11 22.29
CA GLU A 95 25.83 7.25 23.75
C GLU A 95 24.55 6.77 24.41
N ILE A 96 23.41 7.02 23.78
CA ILE A 96 22.13 6.53 24.31
C ILE A 96 22.18 4.99 24.45
N ILE A 97 22.57 4.31 23.37
CA ILE A 97 22.71 2.87 23.43
C ILE A 97 23.75 2.44 24.47
N ASN A 98 24.92 3.09 24.47
CA ASN A 98 25.95 2.82 25.46
C ASN A 98 25.44 2.96 26.88
N SER A 99 24.54 3.93 27.12
CA SER A 99 24.00 4.15 28.46
CA SER A 99 24.02 4.14 28.47
C SER A 99 23.24 2.93 28.95
N CYS A 100 22.53 2.25 28.04
CA CYS A 100 21.82 1.01 28.39
C CYS A 100 22.81 -0.11 28.79
N PHE A 101 23.86 -0.33 28.00
CA PHE A 101 24.90 -1.29 28.39
C PHE A 101 25.61 -0.95 29.70
N ARG A 102 25.91 0.34 29.91
CA ARG A 102 26.56 0.79 31.15
C ARG A 102 25.67 0.55 32.36
N ALA A 103 24.38 0.87 32.24
CA ALA A 103 23.47 0.67 33.37
C ALA A 103 23.17 -0.80 33.62
N PHE A 104 22.90 -1.57 32.55
CA PHE A 104 22.25 -2.88 32.66
C PHE A 104 23.01 -4.08 32.07
N GLY A 105 24.10 -3.82 31.35
CA GLY A 105 24.95 -4.90 30.84
C GLY A 105 24.44 -5.47 29.53
N ARG A 106 23.39 -4.88 28.98
CA ARG A 106 22.73 -5.42 27.80
C ARG A 106 21.72 -4.41 27.26
N CYS A 107 21.28 -4.62 26.03
CA CYS A 107 20.21 -3.81 25.46
C CYS A 107 19.47 -4.68 24.46
N ASP A 108 18.26 -5.08 24.88
CA ASP A 108 17.43 -6.01 24.13
C ASP A 108 16.44 -5.40 23.19
N VAL A 109 15.95 -4.22 23.55
CA VAL A 109 14.88 -3.57 22.81
C VAL A 109 15.19 -2.07 22.68
N LEU A 110 14.94 -1.55 21.48
CA LEU A 110 14.98 -0.13 21.24
C LEU A 110 13.59 0.31 20.74
N VAL A 111 12.99 1.31 21.38
CA VAL A 111 11.73 1.84 20.89
C VAL A 111 11.99 3.28 20.44
N ASN A 112 11.85 3.50 19.13
CA ASN A 112 12.04 4.84 18.56
C ASN A 112 10.70 5.58 18.58
N ASN A 113 10.51 6.35 19.63
CA ASN A 113 9.26 7.03 19.92
C ASN A 113 9.39 8.58 19.82
N ALA A 114 10.54 9.13 20.20
CA ALA A 114 10.74 10.60 20.20
C ALA A 114 10.43 11.16 18.82
N SER A 115 9.74 12.30 18.75
CA SER A 115 9.27 12.80 17.48
C SER A 115 8.86 14.26 17.58
N ALA A 116 9.48 15.08 16.76
CA ALA A 116 9.03 16.46 16.61
C ALA A 116 7.83 16.46 15.67
N PHE A 117 6.90 17.35 15.92
CA PHE A 117 5.63 17.40 15.15
C PHE A 117 5.06 18.82 15.14
N TYR A 118 5.09 19.45 13.97
CA TYR A 118 4.51 20.79 13.79
C TYR A 118 4.48 21.08 12.29
N PRO A 119 3.62 22.04 11.86
CA PRO A 119 3.44 22.38 10.45
C PRO A 119 4.65 23.06 9.84
N THR A 120 4.88 22.79 8.56
CA THR A 120 5.90 23.44 7.77
C THR A 120 5.22 23.71 6.42
N PRO A 121 4.36 24.76 6.36
CA PRO A 121 3.61 25.02 5.10
C PRO A 121 4.57 25.29 3.93
N LEU A 122 4.19 24.81 2.74
CA LEU A 122 5.01 25.02 1.55
C LEU A 122 4.88 26.43 0.98
N VAL A 123 3.72 27.04 1.17
CA VAL A 123 3.48 28.39 0.63
C VAL A 123 3.22 29.40 1.74
N GLY A 133 9.71 32.64 13.56
CA GLY A 133 9.89 31.30 14.09
C GLY A 133 11.20 30.61 13.68
N LYS A 134 11.14 29.29 13.54
CA LYS A 134 12.29 28.47 13.20
C LYS A 134 12.68 28.64 11.74
N THR A 135 13.97 28.54 11.45
CA THR A 135 14.44 28.58 10.06
C THR A 135 14.07 27.26 9.42
N VAL A 136 14.05 27.22 8.09
CA VAL A 136 13.76 25.97 7.39
C VAL A 136 14.84 24.93 7.73
N GLU A 137 16.10 25.37 7.87
CA GLU A 137 17.19 24.42 8.13
C GLU A 137 16.97 23.73 9.46
N THR A 138 16.49 24.49 10.44
CA THR A 138 16.15 23.96 11.76
C THR A 138 14.95 23.01 11.71
N GLN A 139 13.94 23.37 10.92
CA GLN A 139 12.76 22.51 10.78
C GLN A 139 13.13 21.15 10.18
N VAL A 140 13.97 21.17 9.15
CA VAL A 140 14.42 19.95 8.51
C VAL A 140 15.19 19.12 9.52
N ALA A 141 16.18 19.75 10.17
CA ALA A 141 16.99 19.06 11.17
C ALA A 141 16.12 18.41 12.28
N GLU A 142 15.13 19.14 12.80
CA GLU A 142 14.28 18.61 13.87
C GLU A 142 13.30 17.54 13.41
N LEU A 143 12.59 17.81 12.32
CA LEU A 143 11.52 16.89 11.90
C LEU A 143 12.07 15.64 11.25
N ILE A 144 13.08 15.82 10.40
CA ILE A 144 13.71 14.66 9.80
C ILE A 144 14.70 13.98 10.78
N GLY A 145 15.37 14.77 11.61
CA GLY A 145 16.29 14.20 12.60
C GLY A 145 15.56 13.30 13.60
N THR A 146 14.53 13.83 14.27
CA THR A 146 13.84 13.06 15.30
C THR A 146 13.09 11.87 14.73
N ASN A 147 12.41 12.06 13.59
CA ASN A 147 11.51 11.03 13.09
C ASN A 147 12.19 9.96 12.24
N ALA A 148 13.38 10.28 11.73
CA ALA A 148 14.05 9.36 10.79
C ALA A 148 15.54 9.13 10.98
N ILE A 149 16.34 10.21 11.04
CA ILE A 149 17.78 10.00 11.08
CA ILE A 149 17.79 10.06 11.10
C ILE A 149 18.25 9.42 12.42
N ALA A 150 17.74 9.96 13.52
CA ALA A 150 18.06 9.43 14.84
C ALA A 150 17.64 7.96 14.94
N PRO A 151 16.38 7.60 14.54
CA PRO A 151 16.05 6.17 14.48
C PRO A 151 17.07 5.36 13.69
N PHE A 152 17.58 5.89 12.58
CA PHE A 152 18.55 5.14 11.76
C PHE A 152 19.87 4.97 12.53
N LEU A 153 20.34 6.04 13.17
CA LEU A 153 21.61 6.01 13.89
C LEU A 153 21.53 5.11 15.15
N LEU A 154 20.40 5.22 15.84
CA LEU A 154 20.15 4.38 17.00
C LEU A 154 20.10 2.89 16.59
N THR A 155 19.48 2.60 15.45
CA THR A 155 19.38 1.24 14.94
C THR A 155 20.77 0.74 14.67
N MET A 156 21.58 1.55 13.97
CA MET A 156 22.99 1.24 13.69
CA MET A 156 22.96 1.20 13.68
C MET A 156 23.76 0.91 14.98
N SER A 157 23.67 1.80 15.96
CA SER A 157 24.39 1.61 17.23
C SER A 157 23.94 0.38 18.00
N PHE A 158 22.62 0.17 18.02
CA PHE A 158 21.99 -0.95 18.70
C PHE A 158 22.52 -2.25 18.09
N ALA A 159 22.50 -2.31 16.78
CA ALA A 159 22.90 -3.50 16.05
C ALA A 159 24.40 -3.75 16.26
N GLN A 160 25.19 -2.68 16.21
CA GLN A 160 26.65 -2.88 16.31
C GLN A 160 27.13 -3.27 17.71
N ARG A 161 26.39 -2.84 18.74
CA ARG A 161 26.68 -3.26 20.11
C ARG A 161 26.40 -4.75 20.41
N GLN A 162 25.61 -5.41 19.57
CA GLN A 162 25.17 -6.80 19.81
C GLN A 162 26.21 -7.80 19.35
N SER A 172 17.57 -15.42 23.55
CA SER A 172 17.53 -13.96 23.37
C SER A 172 16.43 -13.52 22.38
N ASN A 173 15.95 -12.31 22.58
CA ASN A 173 14.83 -11.81 21.78
C ASN A 173 15.02 -10.31 21.54
N LEU A 174 15.88 -9.99 20.57
CA LEU A 174 16.23 -8.60 20.24
C LEU A 174 15.24 -8.00 19.26
N SER A 175 14.74 -6.79 19.55
CA SER A 175 13.95 -6.13 18.53
C SER A 175 13.88 -4.63 18.67
N ILE A 176 13.47 -3.98 17.58
CA ILE A 176 13.32 -2.57 17.53
C ILE A 176 11.88 -2.32 17.14
N VAL A 177 11.25 -1.37 17.82
CA VAL A 177 9.92 -0.96 17.39
C VAL A 177 9.96 0.53 17.06
N ASN A 178 9.51 0.87 15.85
CA ASN A 178 9.43 2.28 15.44
C ASN A 178 8.01 2.83 15.56
N LEU A 179 7.84 3.98 16.24
CA LEU A 179 6.51 4.64 16.27
C LEU A 179 6.29 5.43 14.98
N CYS A 180 5.33 4.94 14.19
CA CYS A 180 5.06 5.49 12.88
CA CYS A 180 5.07 5.58 12.91
C CYS A 180 3.75 6.31 12.94
N ASP A 181 2.95 6.28 11.87
CA ASP A 181 1.75 7.12 11.84
C ASP A 181 0.78 6.47 10.83
N ALA A 182 -0.43 6.15 11.29
CA ALA A 182 -1.40 5.42 10.43
C ALA A 182 -1.87 6.30 9.28
N MET A 183 -1.70 7.62 9.44
CA MET A 183 -2.21 8.59 8.47
C MET A 183 -1.16 9.08 7.44
N VAL A 184 -0.02 8.39 7.34
CA VAL A 184 1.05 8.83 6.44
C VAL A 184 0.60 8.99 4.99
N ASP A 185 -0.36 8.17 4.54
CA ASP A 185 -0.89 8.33 3.17
C ASP A 185 -2.10 9.25 3.03
N GLN A 186 -2.62 9.77 4.15
CA GLN A 186 -3.70 10.78 4.14
C GLN A 186 -3.27 11.86 5.13
N PRO A 187 -2.17 12.56 4.81
CA PRO A 187 -1.49 13.40 5.80
C PRO A 187 -2.26 14.67 6.17
N CSX A 188 -1.93 15.22 7.33
CA CSX A 188 -2.38 16.57 7.69
CB CSX A 188 -1.99 17.01 9.09
SG CSX A 188 -3.09 16.27 10.37
C CSX A 188 -1.83 17.58 6.72
O CSX A 188 -0.65 17.53 6.32
OD CSX A 188 -1.94 15.43 11.43
N MET A 189 -2.70 18.51 6.36
CA MET A 189 -2.36 19.60 5.48
C MET A 189 -1.24 20.42 6.10
N ALA A 190 -0.21 20.68 5.29
CA ALA A 190 0.92 21.57 5.67
C ALA A 190 1.94 20.92 6.61
N PHE A 191 1.94 19.59 6.68
CA PHE A 191 2.88 18.85 7.53
C PHE A 191 3.87 18.08 6.65
N SER A 192 4.29 18.64 5.50
CA SER A 192 5.13 17.85 4.56
CA SER A 192 5.16 17.89 4.56
C SER A 192 6.39 17.27 5.21
N LEU A 193 7.13 18.07 5.99
CA LEU A 193 8.38 17.56 6.54
C LEU A 193 8.15 16.47 7.60
N TYR A 194 7.18 16.71 8.48
CA TYR A 194 6.76 15.68 9.40
C TYR A 194 6.42 14.37 8.64
N ASN A 195 5.62 14.50 7.57
CA ASN A 195 5.16 13.34 6.78
CA ASN A 195 5.20 13.29 6.86
C ASN A 195 6.32 12.63 6.10
N MET A 196 7.23 13.45 5.56
CA MET A 196 8.45 12.90 4.94
C MET A 196 9.23 12.08 5.95
N GLY A 197 9.34 12.61 7.16
CA GLY A 197 10.05 11.93 8.28
C GLY A 197 9.45 10.57 8.61
N LYS A 198 8.12 10.53 8.77
CA LYS A 198 7.44 9.25 9.06
C LYS A 198 7.50 8.27 7.88
N HIS A 199 7.39 8.75 6.64
CA HIS A 199 7.64 7.83 5.49
C HIS A 199 9.04 7.25 5.52
N ALA A 200 10.04 8.10 5.76
CA ALA A 200 11.41 7.61 5.85
C ALA A 200 11.50 6.55 6.95
N LEU A 201 10.78 6.75 8.04
CA LEU A 201 10.76 5.80 9.17
C LEU A 201 10.13 4.47 8.72
N VAL A 202 9.09 4.53 7.89
CA VAL A 202 8.57 3.29 7.29
C VAL A 202 9.66 2.61 6.47
N GLY A 203 10.34 3.39 5.62
CA GLY A 203 11.46 2.79 4.90
C GLY A 203 12.55 2.21 5.76
N LEU A 204 12.92 2.88 6.85
CA LEU A 204 13.89 2.32 7.79
C LEU A 204 13.43 0.96 8.34
N THR A 205 12.19 0.92 8.78
CA THR A 205 11.62 -0.30 9.35
C THR A 205 11.77 -1.48 8.38
N GLN A 206 11.45 -1.26 7.11
CA GLN A 206 11.55 -2.29 6.08
C GLN A 206 13.00 -2.62 5.79
N SER A 207 13.84 -1.59 5.56
CA SER A 207 15.26 -1.87 5.25
C SER A 207 15.98 -2.48 6.43
N ALA A 208 15.74 -1.94 7.63
CA ALA A 208 16.40 -2.54 8.81
C ALA A 208 15.93 -3.98 9.08
N ALA A 209 14.64 -4.27 8.85
CA ALA A 209 14.15 -5.66 9.06
C ALA A 209 14.88 -6.62 8.13
N LEU A 210 15.02 -6.25 6.87
CA LEU A 210 15.71 -7.08 5.87
C LEU A 210 17.15 -7.33 6.27
N GLU A 211 17.88 -6.26 6.58
CA GLU A 211 19.34 -6.37 6.82
C GLU A 211 19.66 -6.91 8.21
N LEU A 212 18.80 -6.66 9.20
CA LEU A 212 19.11 -7.19 10.54
C LEU A 212 18.54 -8.57 10.84
N ALA A 213 17.67 -9.07 9.96
CA ALA A 213 17.09 -10.42 10.20
C ALA A 213 18.17 -11.49 10.36
N PRO A 214 19.18 -11.48 9.49
CA PRO A 214 20.30 -12.42 9.66
C PRO A 214 20.97 -12.40 11.06
N TYR A 215 20.88 -11.29 11.77
CA TYR A 215 21.45 -11.17 13.11
C TYR A 215 20.44 -11.47 14.22
N GLY A 216 19.22 -11.86 13.85
CA GLY A 216 18.18 -12.20 14.83
C GLY A 216 17.52 -10.97 15.41
N ILE A 217 17.77 -9.83 14.79
CA ILE A 217 17.13 -8.61 15.27
C ILE A 217 15.88 -8.34 14.44
N ARG A 218 14.71 -8.30 15.10
CA ARG A 218 13.45 -8.02 14.39
C ARG A 218 13.19 -6.51 14.41
N VAL A 219 12.58 -5.99 13.35
CA VAL A 219 12.32 -4.56 13.30
C VAL A 219 10.87 -4.32 12.84
N ASN A 220 10.05 -3.67 13.67
CA ASN A 220 8.63 -3.53 13.37
C ASN A 220 8.17 -2.14 13.71
N GLY A 221 6.94 -1.82 13.35
CA GLY A 221 6.37 -0.50 13.71
C GLY A 221 4.98 -0.60 14.28
N VAL A 222 4.61 0.46 15.02
CA VAL A 222 3.27 0.68 15.56
C VAL A 222 2.87 2.02 15.02
N ALA A 223 1.70 2.05 14.38
CA ALA A 223 1.23 3.22 13.68
C ALA A 223 -0.08 3.72 14.31
N PRO A 224 0.03 4.63 15.28
CA PRO A 224 -1.16 5.20 15.90
C PRO A 224 -1.92 6.07 14.90
N GLY A 225 -3.22 6.19 15.09
CA GLY A 225 -4.00 7.17 14.31
C GLY A 225 -4.09 8.47 15.11
N VAL A 226 -5.24 8.72 15.72
CA VAL A 226 -5.27 9.74 16.75
C VAL A 226 -5.21 9.06 18.09
N SER A 227 -4.19 9.40 18.86
CA SER A 227 -4.07 8.93 20.22
C SER A 227 -4.07 10.21 21.02
N LEU A 228 -3.14 10.38 21.94
CA LEU A 228 -3.16 11.55 22.83
C LEU A 228 -3.08 12.84 22.03
N LEU A 229 -4.11 13.64 22.17
CA LEU A 229 -4.28 14.85 21.39
C LEU A 229 -3.33 15.93 21.94
N PRO A 230 -3.11 17.02 21.16
CA PRO A 230 -2.11 17.99 21.62
C PRO A 230 -2.57 18.72 22.86
N VAL A 231 -1.65 18.97 23.79
CA VAL A 231 -1.96 19.74 25.00
C VAL A 231 -2.48 21.14 24.64
N ALA A 232 -1.92 21.72 23.57
CA ALA A 232 -2.34 23.03 23.06
C ALA A 232 -3.73 23.05 22.38
N MET A 233 -4.17 21.90 21.87
CA MET A 233 -5.46 21.81 21.17
C MET A 233 -6.68 21.99 22.09
N GLY A 234 -7.60 22.86 21.66
CA GLY A 234 -8.86 23.11 22.39
C GLY A 234 -9.81 21.92 22.31
N GLU A 235 -10.72 21.82 23.28
CA GLU A 235 -11.60 20.66 23.39
C GLU A 235 -12.49 20.40 22.16
N GLU A 236 -13.05 21.47 21.59
CA GLU A 236 -13.96 21.36 20.43
C GLU A 236 -13.23 20.78 19.20
N GLU A 237 -11.99 21.22 19.00
CA GLU A 237 -11.15 20.65 17.95
C GLU A 237 -10.80 19.18 18.24
N LYS A 238 -10.58 18.84 19.52
CA LYS A 238 -10.38 17.44 19.95
C LYS A 238 -11.57 16.57 19.59
N ASP A 239 -12.78 17.04 19.91
CA ASP A 239 -14.03 16.32 19.57
C ASP A 239 -14.23 16.14 18.05
N LYS A 240 -13.74 17.10 17.27
CA LYS A 240 -13.79 16.97 15.80
C LYS A 240 -12.99 15.75 15.39
N TRP A 241 -11.81 15.60 15.98
CA TRP A 241 -10.95 14.47 15.67
C TRP A 241 -11.54 13.14 16.20
N ARG A 242 -12.02 13.18 17.45
CA ARG A 242 -12.71 12.03 18.05
C ARG A 242 -13.84 11.43 17.23
N ARG A 243 -14.76 12.30 16.76
CA ARG A 243 -15.89 11.92 15.92
C ARG A 243 -15.52 11.25 14.60
N LYS A 244 -14.27 11.42 14.15
CA LYS A 244 -13.82 10.76 12.90
C LYS A 244 -13.52 9.25 13.08
N VAL A 245 -13.26 8.81 14.30
CA VAL A 245 -12.81 7.42 14.54
C VAL A 245 -13.99 6.46 14.61
N PRO A 246 -14.12 5.54 13.64
CA PRO A 246 -15.25 4.58 13.59
C PRO A 246 -15.43 3.79 14.88
N LEU A 247 -14.32 3.31 15.46
CA LEU A 247 -14.38 2.43 16.62
C LEU A 247 -14.37 3.18 17.95
N GLY A 248 -15.58 3.56 18.38
CA GLY A 248 -15.76 4.23 19.67
C GLY A 248 -15.74 5.75 19.64
N ARG A 249 -15.47 6.34 18.46
CA ARG A 249 -15.44 7.82 18.34
C ARG A 249 -14.59 8.44 19.44
N ARG A 250 -13.42 7.88 19.64
CA ARG A 250 -12.54 8.33 20.68
C ARG A 250 -11.11 8.02 20.26
N GLU A 251 -10.17 8.79 20.81
CA GLU A 251 -8.75 8.60 20.55
C GLU A 251 -8.22 7.35 21.25
N ALA A 252 -7.13 6.77 20.74
CA ALA A 252 -6.43 5.71 21.47
C ALA A 252 -5.84 6.22 22.80
N SER A 253 -5.99 5.42 23.85
CA SER A 253 -5.24 5.70 25.09
C SER A 253 -3.76 5.37 24.85
N ALA A 254 -2.90 5.94 25.67
CA ALA A 254 -1.47 5.63 25.56
C ALA A 254 -1.23 4.11 25.77
N GLU A 255 -1.98 3.51 26.69
CA GLU A 255 -1.81 2.08 27.03
C GLU A 255 -2.09 1.20 25.82
N GLN A 256 -3.09 1.59 25.01
CA GLN A 256 -3.49 0.84 23.81
C GLN A 256 -2.36 0.83 22.79
N ILE A 257 -1.70 1.96 22.61
CA ILE A 257 -0.50 2.03 21.77
C ILE A 257 0.61 1.15 22.39
N ALA A 258 0.87 1.32 23.69
CA ALA A 258 1.90 0.51 24.37
C ALA A 258 1.64 -1.01 24.25
N ASP A 259 0.37 -1.42 24.29
CA ASP A 259 0.02 -2.83 24.18
C ASP A 259 0.57 -3.43 22.89
N ALA A 260 0.51 -2.69 21.78
CA ALA A 260 0.90 -3.26 20.48
C ALA A 260 2.44 -3.34 20.46
N VAL A 261 3.09 -2.37 21.11
CA VAL A 261 4.55 -2.40 21.22
C VAL A 261 4.98 -3.64 21.99
N ILE A 262 4.31 -3.90 23.12
CA ILE A 262 4.61 -5.05 23.98
C ILE A 262 4.41 -6.37 23.22
N PHE A 263 3.37 -6.45 22.40
CA PHE A 263 3.18 -7.63 21.57
C PHE A 263 4.39 -7.87 20.65
N LEU A 264 4.81 -6.80 19.97
CA LEU A 264 5.87 -6.93 18.97
C LEU A 264 7.22 -7.27 19.60
N VAL A 265 7.46 -6.82 20.82
CA VAL A 265 8.71 -7.23 21.48
C VAL A 265 8.64 -8.63 22.10
N SER A 266 7.41 -9.16 22.27
CA SER A 266 7.20 -10.41 23.00
C SER A 266 7.59 -11.64 22.20
N GLY A 267 7.64 -12.77 22.91
CA GLY A 267 7.80 -14.08 22.29
C GLY A 267 6.62 -14.47 21.38
N SER A 268 5.48 -13.78 21.51
CA SER A 268 4.37 -14.06 20.61
C SER A 268 4.55 -13.48 19.20
N ALA A 269 5.60 -12.69 18.99
CA ALA A 269 5.85 -12.04 17.68
C ALA A 269 7.19 -12.47 17.10
N GLN A 270 7.66 -13.67 17.51
CA GLN A 270 9.00 -14.16 17.17
C GLN A 270 9.26 -14.29 15.67
N TYR A 271 8.22 -14.42 14.84
CA TYR A 271 8.44 -14.54 13.39
C TYR A 271 8.06 -13.25 12.67
N ILE A 272 7.66 -12.21 13.41
CA ILE A 272 7.24 -11.00 12.80
C ILE A 272 8.38 -10.00 12.66
N THR A 273 8.65 -9.62 11.41
CA THR A 273 9.64 -8.57 11.16
C THR A 273 9.27 -7.82 9.91
N GLY A 274 9.48 -6.50 9.93
CA GLY A 274 9.11 -5.62 8.82
C GLY A 274 7.62 -5.35 8.74
N SER A 275 6.89 -5.64 9.82
CA SER A 275 5.46 -5.39 9.91
C SER A 275 5.17 -4.10 10.65
N ILE A 276 4.18 -3.38 10.16
CA ILE A 276 3.69 -2.22 10.85
C ILE A 276 2.25 -2.43 11.23
N ILE A 277 1.97 -2.34 12.54
CA ILE A 277 0.63 -2.59 13.07
C ILE A 277 -0.07 -1.24 13.28
N LYS A 278 -1.15 -0.97 12.51
CA LYS A 278 -1.95 0.25 12.74
C LYS A 278 -2.72 0.04 14.02
N VAL A 279 -2.82 1.07 14.85
CA VAL A 279 -3.60 1.05 16.07
C VAL A 279 -4.43 2.35 16.02
N ASP A 280 -5.44 2.34 15.15
CA ASP A 280 -6.10 3.61 14.76
C ASP A 280 -7.64 3.57 14.81
N GLY A 281 -8.20 2.47 15.32
CA GLY A 281 -9.66 2.36 15.46
C GLY A 281 -10.39 2.54 14.13
N GLY A 282 -9.72 2.25 13.02
CA GLY A 282 -10.37 2.37 11.70
C GLY A 282 -10.24 3.74 11.05
N LEU A 283 -9.56 4.69 11.71
CA LEU A 283 -9.54 6.07 11.21
C LEU A 283 -9.03 6.22 9.77
N SER A 284 -7.94 5.52 9.45
CA SER A 284 -7.31 5.50 8.11
C SER A 284 -8.21 4.91 7.02
N LEU A 285 -9.32 4.26 7.40
CA LEU A 285 -10.26 3.68 6.42
C LEU A 285 -11.39 4.63 6.01
N VAL A 286 -11.44 5.81 6.65
CA VAL A 286 -12.56 6.72 6.48
C VAL A 286 -12.20 7.69 5.34
N HIS A 287 -13.01 7.69 4.30
CA HIS A 287 -12.78 8.66 3.21
C HIS A 287 -13.14 10.10 3.64
N ALA A 288 -12.68 11.06 2.84
CA ALA A 288 -13.03 12.47 3.01
C ALA A 288 -14.54 12.70 3.13
N GLU B 22 -18.94 -16.57 32.20
CA GLU B 22 -19.18 -17.50 31.04
CA GLU B 22 -19.11 -17.57 31.11
C GLU B 22 -18.02 -17.41 30.04
N ALA B 23 -17.62 -18.53 29.45
CA ALA B 23 -16.49 -18.55 28.55
C ALA B 23 -16.95 -18.06 27.18
N PRO B 24 -16.12 -17.24 26.51
CA PRO B 24 -16.51 -16.79 25.17
C PRO B 24 -16.41 -17.95 24.16
N ALA B 25 -16.98 -17.75 22.97
CA ALA B 25 -17.01 -18.79 21.95
C ALA B 25 -16.46 -18.30 20.60
N ALA B 26 -15.74 -19.17 19.89
CA ALA B 26 -15.16 -18.85 18.58
C ALA B 26 -15.50 -19.88 17.52
N VAL B 27 -15.76 -19.41 16.30
CA VAL B 27 -15.84 -20.27 15.13
C VAL B 27 -14.51 -20.17 14.39
N VAL B 28 -13.90 -21.32 14.10
CA VAL B 28 -12.70 -21.33 13.26
C VAL B 28 -12.98 -22.18 12.04
N THR B 29 -12.87 -21.60 10.83
CA THR B 29 -13.21 -22.38 9.62
C THR B 29 -11.98 -23.13 9.19
N GLY B 30 -12.17 -24.30 8.61
CA GLY B 30 -11.06 -25.17 8.21
C GLY B 30 -10.11 -25.47 9.37
N ALA B 31 -10.67 -25.86 10.52
CA ALA B 31 -9.88 -26.00 11.77
C ALA B 31 -9.34 -27.38 12.08
N ALA B 32 -9.55 -28.32 11.15
CA ALA B 32 -9.21 -29.73 11.41
C ALA B 32 -7.71 -29.96 11.41
N LYS B 33 -7.00 -29.19 10.60
CA LYS B 33 -5.55 -29.34 10.63
C LYS B 33 -4.74 -28.10 10.36
N ARG B 34 -3.43 -28.29 10.42
CA ARG B 34 -2.46 -27.26 10.05
C ARG B 34 -2.73 -25.95 10.78
N ILE B 35 -2.88 -24.84 10.05
CA ILE B 35 -2.98 -23.56 10.71
C ILE B 35 -4.30 -23.36 11.50
N GLY B 36 -5.43 -23.71 10.89
CA GLY B 36 -6.73 -23.59 11.57
C GLY B 36 -6.78 -24.41 12.85
N ARG B 37 -6.20 -25.60 12.82
CA ARG B 37 -6.08 -26.41 14.04
C ARG B 37 -5.32 -25.71 15.16
N ALA B 38 -4.18 -25.10 14.84
CA ALA B 38 -3.33 -24.43 15.82
C ALA B 38 -4.06 -23.24 16.40
N ILE B 39 -4.78 -22.53 15.53
CA ILE B 39 -5.64 -21.43 15.96
C ILE B 39 -6.76 -21.91 16.91
N ALA B 40 -7.51 -22.91 16.51
CA ALA B 40 -8.49 -23.53 17.42
C ALA B 40 -7.83 -23.96 18.75
N VAL B 41 -6.68 -24.65 18.70
CA VAL B 41 -6.01 -25.07 19.97
C VAL B 41 -5.68 -23.87 20.86
N LYS B 42 -5.13 -22.82 20.27
CA LYS B 42 -4.68 -21.69 21.05
C LYS B 42 -5.84 -20.90 21.60
N LEU B 43 -6.93 -20.78 20.82
CA LEU B 43 -8.15 -20.16 21.34
C LEU B 43 -8.67 -20.96 22.52
N HIS B 44 -8.74 -22.27 22.34
CA HIS B 44 -9.25 -23.14 23.43
C HIS B 44 -8.41 -22.98 24.71
N GLN B 45 -7.08 -23.00 24.55
CA GLN B 45 -6.15 -22.79 25.68
C GLN B 45 -6.30 -21.42 26.35
N THR B 46 -6.74 -20.43 25.59
CA THR B 46 -6.98 -19.09 26.13
C THR B 46 -8.28 -19.02 26.94
N GLY B 47 -9.13 -20.02 26.74
CA GLY B 47 -10.39 -20.17 27.48
C GLY B 47 -11.64 -20.10 26.62
N TYR B 48 -11.47 -20.10 25.30
CA TYR B 48 -12.60 -20.11 24.37
C TYR B 48 -13.20 -21.49 24.22
N ARG B 49 -14.53 -21.54 24.11
CA ARG B 49 -15.22 -22.71 23.55
C ARG B 49 -15.18 -22.54 22.01
N VAL B 50 -15.01 -23.65 21.28
CA VAL B 50 -14.72 -23.57 19.84
CA VAL B 50 -14.70 -23.57 19.85
C VAL B 50 -15.62 -24.42 18.95
N VAL B 51 -16.01 -23.87 17.80
CA VAL B 51 -16.68 -24.63 16.76
C VAL B 51 -15.59 -24.90 15.76
N ILE B 52 -15.27 -26.19 15.56
CA ILE B 52 -14.24 -26.62 14.65
C ILE B 52 -14.96 -26.93 13.33
N HIS B 53 -14.90 -26.02 12.38
CA HIS B 53 -15.49 -26.26 11.06
C HIS B 53 -14.54 -27.10 10.22
N TYR B 54 -15.08 -27.98 9.39
CA TYR B 54 -14.25 -28.75 8.45
C TYR B 54 -15.05 -29.03 7.17
N HIS B 55 -14.37 -29.48 6.12
CA HIS B 55 -15.06 -29.83 4.88
C HIS B 55 -14.96 -31.34 4.66
N ASN B 56 -13.77 -31.79 4.28
CA ASN B 56 -13.47 -33.19 4.08
C ASN B 56 -12.76 -33.88 5.26
N SER B 57 -12.14 -33.15 6.18
CA SER B 57 -11.29 -33.80 7.17
C SER B 57 -12.03 -34.15 8.48
N ALA B 58 -13.05 -35.03 8.36
CA ALA B 58 -13.91 -35.40 9.50
C ALA B 58 -13.14 -36.02 10.65
N GLU B 59 -12.30 -36.99 10.34
CA GLU B 59 -11.56 -37.70 11.37
C GLU B 59 -10.63 -36.76 12.15
N ALA B 60 -9.93 -35.88 11.43
CA ALA B 60 -9.06 -34.94 12.09
C ALA B 60 -9.87 -33.96 12.94
N ALA B 61 -11.02 -33.51 12.41
CA ALA B 61 -11.87 -32.53 13.14
C ALA B 61 -12.39 -33.12 14.47
N VAL B 62 -12.87 -34.34 14.38
CA VAL B 62 -13.43 -35.07 15.53
C VAL B 62 -12.31 -35.39 16.52
N SER B 63 -11.14 -35.83 16.03
CA SER B 63 -9.98 -36.07 16.90
C SER B 63 -9.64 -34.82 17.73
N LEU B 64 -9.60 -33.66 17.07
CA LEU B 64 -9.34 -32.40 17.76
C LEU B 64 -10.42 -32.09 18.81
N ALA B 65 -11.69 -32.20 18.43
CA ALA B 65 -12.79 -31.92 19.38
C ALA B 65 -12.67 -32.80 20.64
N ASP B 66 -12.35 -34.08 20.42
CA ASP B 66 -12.27 -35.05 21.54
C ASP B 66 -11.13 -34.66 22.49
N GLU B 67 -9.99 -34.31 21.90
CA GLU B 67 -8.81 -33.86 22.65
C GLU B 67 -9.12 -32.61 23.49
N LEU B 68 -9.77 -31.63 22.87
CA LEU B 68 -10.16 -30.40 23.57
C LEU B 68 -11.21 -30.63 24.66
N ASN B 69 -12.20 -31.47 24.38
CA ASN B 69 -13.22 -31.82 25.38
C ASN B 69 -12.70 -32.62 26.59
N LYS B 70 -11.61 -33.34 26.36
CA LYS B 70 -10.92 -34.08 27.42
C LYS B 70 -10.28 -33.07 28.35
N GLU B 71 -9.83 -31.95 27.80
CA GLU B 71 -9.25 -30.87 28.58
C GLU B 71 -10.34 -30.16 29.39
N ARG B 72 -11.43 -29.76 28.73
CA ARG B 72 -12.58 -29.16 29.39
C ARG B 72 -13.84 -29.69 28.72
N SER B 73 -14.73 -30.28 29.51
CA SER B 73 -15.94 -30.88 28.96
C SER B 73 -16.87 -29.89 28.26
N ASN B 74 -17.40 -30.33 27.13
CA ASN B 74 -18.40 -29.58 26.36
C ASN B 74 -17.92 -28.17 25.97
N THR B 75 -16.69 -28.09 25.50
CA THR B 75 -16.14 -26.82 25.02
C THR B 75 -15.74 -26.83 23.54
N ALA B 76 -15.95 -27.96 22.86
CA ALA B 76 -15.61 -28.05 21.42
C ALA B 76 -16.67 -28.89 20.69
N VAL B 77 -17.11 -28.39 19.54
CA VAL B 77 -18.03 -29.12 18.68
C VAL B 77 -17.49 -29.05 17.24
N VAL B 78 -17.88 -29.97 16.38
CA VAL B 78 -17.46 -29.90 14.98
C VAL B 78 -18.64 -29.49 14.10
N CSX B 79 -18.33 -28.94 12.91
CA CSX B 79 -19.39 -28.48 12.01
CB CSX B 79 -19.63 -27.01 12.34
SG CSX B 79 -20.77 -26.21 11.15
C CSX B 79 -18.91 -28.66 10.60
O CSX B 79 -17.95 -28.01 10.18
OD CSX B 79 -22.45 -26.41 11.64
N GLN B 80 -19.55 -29.57 9.84
CA GLN B 80 -19.15 -29.85 8.47
C GLN B 80 -19.86 -28.90 7.51
N ALA B 81 -19.11 -28.33 6.55
CA ALA B 81 -19.73 -27.52 5.50
C ALA B 81 -18.77 -27.28 4.35
N ASP B 82 -19.29 -27.34 3.13
CA ASP B 82 -18.54 -26.92 1.94
C ASP B 82 -18.69 -25.42 1.82
N LEU B 83 -17.57 -24.71 1.62
CA LEU B 83 -17.64 -23.24 1.49
C LEU B 83 -17.45 -22.74 0.07
N THR B 84 -17.56 -23.66 -0.89
CA THR B 84 -17.52 -23.31 -2.30
C THR B 84 -18.71 -22.37 -2.61
N ASN B 85 -18.50 -21.38 -3.48
CA ASN B 85 -19.61 -20.50 -3.89
C ASN B 85 -20.71 -21.31 -4.59
N SER B 86 -21.96 -21.04 -4.21
CA SER B 86 -23.14 -21.70 -4.79
C SER B 86 -24.37 -20.95 -4.30
N ASN B 87 -25.55 -21.33 -4.78
N ASN B 87 -25.54 -21.38 -4.80
CA ASN B 87 -26.77 -20.69 -4.26
CA ASN B 87 -26.83 -20.86 -4.34
C ASN B 87 -27.21 -21.20 -2.89
C ASN B 87 -27.07 -21.10 -2.86
N VAL B 88 -26.51 -22.19 -2.35
CA VAL B 88 -26.73 -22.59 -0.94
C VAL B 88 -25.69 -22.07 0.06
N LEU B 89 -24.61 -21.46 -0.44
CA LEU B 89 -23.55 -20.96 0.44
C LEU B 89 -24.07 -20.02 1.56
N PRO B 90 -24.92 -19.02 1.23
CA PRO B 90 -25.46 -18.17 2.30
C PRO B 90 -26.14 -18.96 3.44
N ALA B 91 -26.98 -19.94 3.10
CA ALA B 91 -27.60 -20.78 4.11
C ALA B 91 -26.56 -21.55 4.92
N SER B 92 -25.56 -22.13 4.24
CA SER B 92 -24.45 -22.85 4.92
C SER B 92 -23.75 -21.95 5.92
N CYS B 93 -23.45 -20.71 5.50
CA CYS B 93 -22.74 -19.79 6.40
C CYS B 93 -23.58 -19.39 7.61
N GLU B 94 -24.86 -19.14 7.37
CA GLU B 94 -25.82 -18.87 8.44
C GLU B 94 -25.86 -20.01 9.46
N GLU B 95 -25.79 -21.25 8.97
CA GLU B 95 -25.85 -22.41 9.85
C GLU B 95 -24.57 -22.60 10.68
N ILE B 96 -23.41 -22.28 10.10
CA ILE B 96 -22.14 -22.31 10.84
C ILE B 96 -22.19 -21.39 12.07
N ILE B 97 -22.65 -20.16 11.85
CA ILE B 97 -22.73 -19.17 12.90
C ILE B 97 -23.79 -19.64 13.90
N ASN B 98 -24.95 -20.07 13.38
CA ASN B 98 -26.05 -20.61 14.22
C ASN B 98 -25.56 -21.73 15.14
N SER B 99 -24.68 -22.61 14.64
CA SER B 99 -24.21 -23.76 15.42
C SER B 99 -23.42 -23.34 16.65
N CYS B 100 -22.65 -22.26 16.52
CA CYS B 100 -21.95 -21.67 17.69
C CYS B 100 -22.96 -21.16 18.73
N PHE B 101 -24.03 -20.48 18.28
CA PHE B 101 -25.08 -20.04 19.23
C PHE B 101 -25.81 -21.23 19.88
N ARG B 102 -26.11 -22.26 19.09
CA ARG B 102 -26.80 -23.44 19.62
C ARG B 102 -25.92 -24.16 20.63
N ALA B 103 -24.64 -24.30 20.32
CA ALA B 103 -23.77 -25.06 21.21
C ALA B 103 -23.45 -24.29 22.47
N PHE B 104 -23.19 -22.98 22.34
CA PHE B 104 -22.56 -22.22 23.42
C PHE B 104 -23.31 -20.97 23.84
N GLY B 105 -24.38 -20.63 23.11
CA GLY B 105 -25.24 -19.50 23.46
C GLY B 105 -24.65 -18.14 23.16
N ARG B 106 -23.57 -18.11 22.40
CA ARG B 106 -22.93 -16.83 22.07
C ARG B 106 -21.90 -17.12 20.98
N CYS B 107 -21.46 -16.06 20.29
CA CYS B 107 -20.39 -16.19 19.33
C CYS B 107 -19.60 -14.90 19.32
N ASP B 108 -18.44 -14.96 19.95
CA ASP B 108 -17.58 -13.79 20.18
C ASP B 108 -16.52 -13.58 19.09
N VAL B 109 -16.08 -14.67 18.47
CA VAL B 109 -14.95 -14.58 17.53
C VAL B 109 -15.25 -15.46 16.32
N LEU B 110 -14.97 -14.92 15.13
CA LEU B 110 -15.01 -15.67 13.88
C LEU B 110 -13.62 -15.62 13.28
N VAL B 111 -13.04 -16.78 12.96
CA VAL B 111 -11.76 -16.78 12.26
C VAL B 111 -11.98 -17.40 10.88
N ASN B 112 -11.79 -16.60 9.83
CA ASN B 112 -11.89 -17.11 8.45
C ASN B 112 -10.58 -17.62 7.96
N ASN B 113 -10.42 -18.92 8.15
CA ASN B 113 -9.17 -19.60 7.86
C ASN B 113 -9.26 -20.55 6.65
N ALA B 114 -10.43 -21.17 6.41
CA ALA B 114 -10.55 -22.20 5.35
C ALA B 114 -10.21 -21.57 4.01
N SER B 115 -9.53 -22.33 3.15
CA SER B 115 -9.03 -21.71 1.95
C SER B 115 -8.63 -22.78 0.94
N ALA B 116 -9.21 -22.74 -0.27
CA ALA B 116 -8.70 -23.52 -1.42
C ALA B 116 -7.50 -22.80 -2.02
N PHE B 117 -6.55 -23.55 -2.53
CA PHE B 117 -5.30 -23.01 -2.98
C PHE B 117 -4.72 -23.97 -4.01
N TYR B 118 -4.66 -23.52 -5.25
CA TYR B 118 -4.09 -24.30 -6.34
C TYR B 118 -3.98 -23.39 -7.55
N PRO B 119 -3.12 -23.74 -8.52
CA PRO B 119 -2.92 -22.87 -9.69
C PRO B 119 -4.10 -22.86 -10.64
N THR B 120 -4.36 -21.70 -11.24
CA THR B 120 -5.37 -21.56 -12.32
C THR B 120 -4.72 -20.77 -13.49
N PRO B 121 -3.90 -21.44 -14.33
CA PRO B 121 -3.15 -20.71 -15.36
C PRO B 121 -4.09 -19.98 -16.32
N LEU B 122 -3.67 -18.79 -16.76
CA LEU B 122 -4.45 -17.99 -17.70
C LEU B 122 -4.36 -18.56 -19.11
N VAL B 123 -3.23 -19.18 -19.43
CA VAL B 123 -3.05 -19.82 -20.75
C VAL B 123 -2.61 -21.30 -20.70
N LYS B 134 -10.77 -29.79 -13.09
CA LYS B 134 -11.82 -28.87 -12.67
C LYS B 134 -12.13 -27.91 -13.81
N THR B 135 -13.42 -27.64 -14.00
CA THR B 135 -13.81 -26.64 -14.96
C THR B 135 -13.46 -25.27 -14.37
N VAL B 136 -13.36 -24.26 -15.24
CA VAL B 136 -13.00 -22.94 -14.72
C VAL B 136 -14.09 -22.43 -13.79
N GLU B 137 -15.35 -22.76 -14.07
CA GLU B 137 -16.43 -22.28 -13.19
C GLU B 137 -16.32 -22.88 -11.78
N THR B 138 -15.87 -24.15 -11.68
CA THR B 138 -15.58 -24.79 -10.38
C THR B 138 -14.40 -24.12 -9.67
N GLN B 139 -13.37 -23.77 -10.42
CA GLN B 139 -12.18 -23.10 -9.84
C GLN B 139 -12.57 -21.74 -9.26
N VAL B 140 -13.37 -21.00 -10.03
CA VAL B 140 -13.92 -19.74 -9.53
C VAL B 140 -14.72 -19.95 -8.23
N ALA B 141 -15.68 -20.89 -8.26
CA ALA B 141 -16.53 -21.18 -7.10
C ALA B 141 -15.67 -21.53 -5.88
N GLU B 142 -14.66 -22.37 -6.09
CA GLU B 142 -13.88 -22.84 -4.94
C GLU B 142 -12.93 -21.78 -4.41
N LEU B 143 -12.12 -21.20 -5.30
CA LEU B 143 -11.10 -20.23 -4.90
C LEU B 143 -11.68 -18.88 -4.42
N ILE B 144 -12.70 -18.38 -5.13
CA ILE B 144 -13.33 -17.16 -4.72
C ILE B 144 -14.33 -17.40 -3.57
N GLY B 145 -15.05 -18.52 -3.61
CA GLY B 145 -15.96 -18.90 -2.52
C GLY B 145 -15.26 -19.05 -1.18
N THR B 146 -14.25 -19.93 -1.10
CA THR B 146 -13.58 -20.14 0.20
C THR B 146 -12.85 -18.90 0.67
N ASN B 147 -12.09 -18.26 -0.23
CA ASN B 147 -11.22 -17.16 0.19
C ASN B 147 -11.92 -15.84 0.43
N ALA B 148 -13.08 -15.63 -0.21
CA ALA B 148 -13.73 -14.32 -0.14
C ALA B 148 -15.25 -14.29 0.15
N ILE B 149 -16.03 -15.02 -0.61
CA ILE B 149 -17.48 -14.95 -0.48
CA ILE B 149 -17.48 -14.99 -0.50
C ILE B 149 -17.98 -15.58 0.82
N ALA B 150 -17.46 -16.75 1.16
CA ALA B 150 -17.81 -17.38 2.46
C ALA B 150 -17.41 -16.47 3.64
N PRO B 151 -16.15 -15.95 3.69
CA PRO B 151 -15.85 -14.94 4.73
C PRO B 151 -16.87 -13.79 4.77
N PHE B 152 -17.25 -13.28 3.60
CA PHE B 152 -18.28 -12.22 3.58
C PHE B 152 -19.64 -12.66 4.18
N LEU B 153 -20.13 -13.83 3.75
CA LEU B 153 -21.42 -14.37 4.24
C LEU B 153 -21.38 -14.71 5.73
N LEU B 154 -20.27 -15.30 6.16
CA LEU B 154 -20.08 -15.57 7.59
C LEU B 154 -20.03 -14.28 8.43
N THR B 155 -19.37 -13.27 7.91
CA THR B 155 -19.27 -11.94 8.55
C THR B 155 -20.65 -11.34 8.70
N MET B 156 -21.45 -11.42 7.62
CA MET B 156 -22.80 -10.87 7.65
C MET B 156 -23.64 -11.60 8.71
N SER B 157 -23.57 -12.93 8.70
CA SER B 157 -24.32 -13.74 9.64
C SER B 157 -23.85 -13.49 11.07
N PHE B 158 -22.54 -13.41 11.27
CA PHE B 158 -21.98 -13.10 12.57
C PHE B 158 -22.52 -11.76 13.09
N ALA B 159 -22.46 -10.72 12.27
CA ALA B 159 -22.94 -9.38 12.67
C ALA B 159 -24.42 -9.37 12.93
N GLN B 160 -25.21 -9.99 12.04
CA GLN B 160 -26.69 -9.99 12.18
C GLN B 160 -27.09 -10.62 13.52
N ARG B 161 -26.34 -11.61 13.97
CA ARG B 161 -26.64 -12.28 15.23
C ARG B 161 -26.25 -11.50 16.49
N GLN B 162 -25.49 -10.42 16.35
CA GLN B 162 -25.21 -9.53 17.50
C GLN B 162 -26.22 -8.37 17.55
N ASN B 173 -16.08 -7.97 23.74
CA ASN B 173 -14.91 -8.02 22.87
C ASN B 173 -15.13 -8.92 21.63
N LEU B 174 -15.98 -8.43 20.73
CA LEU B 174 -16.30 -9.16 19.51
C LEU B 174 -15.30 -8.85 18.43
N SER B 175 -14.82 -9.90 17.75
CA SER B 175 -13.94 -9.63 16.63
C SER B 175 -13.93 -10.73 15.59
N ILE B 176 -13.49 -10.35 14.38
CA ILE B 176 -13.29 -11.28 13.27
C ILE B 176 -11.83 -11.20 12.84
N VAL B 177 -11.23 -12.34 12.54
CA VAL B 177 -9.87 -12.36 12.03
C VAL B 177 -9.86 -13.12 10.70
N ASN B 178 -9.36 -12.47 9.65
CA ASN B 178 -9.28 -13.09 8.33
C ASN B 178 -7.86 -13.53 8.05
N LEU B 179 -7.69 -14.76 7.58
CA LEU B 179 -6.35 -15.28 7.22
C LEU B 179 -6.08 -14.87 5.78
N CYS B 180 -5.15 -13.93 5.65
CA CYS B 180 -4.81 -13.37 4.35
CA CYS B 180 -4.83 -13.39 4.34
C CYS B 180 -3.51 -14.00 3.85
N ASP B 181 -2.69 -13.20 3.17
CA ASP B 181 -1.47 -13.69 2.55
C ASP B 181 -0.54 -12.50 2.38
N ALA B 182 0.66 -12.60 2.95
CA ALA B 182 1.62 -11.49 2.88
C ALA B 182 2.13 -11.25 1.47
N MET B 183 1.99 -12.23 0.60
CA MET B 183 2.58 -12.19 -0.75
C MET B 183 1.63 -11.81 -1.88
N VAL B 184 0.52 -11.19 -1.53
CA VAL B 184 -0.52 -10.85 -2.52
C VAL B 184 -0.06 -9.83 -3.57
N ASP B 185 0.94 -9.01 -3.24
CA ASP B 185 1.46 -8.06 -4.22
C ASP B 185 2.66 -8.62 -4.99
N GLN B 186 3.07 -9.82 -4.62
CA GLN B 186 4.20 -10.52 -5.27
C GLN B 186 3.77 -11.96 -5.43
N PRO B 187 2.67 -12.17 -6.14
CA PRO B 187 2.00 -13.48 -6.10
C PRO B 187 2.79 -14.60 -6.80
N CYS B 188 2.48 -15.86 -6.45
CA CYS B 188 3.06 -16.97 -7.20
C CYS B 188 2.47 -16.99 -8.59
N MET B 189 3.32 -17.33 -9.56
CA MET B 189 2.95 -17.44 -10.97
C MET B 189 1.74 -18.36 -11.14
N ALA B 190 0.75 -17.91 -11.89
CA ALA B 190 -0.40 -18.76 -12.29
C ALA B 190 -1.39 -19.06 -11.17
N PHE B 191 -1.37 -18.25 -10.11
CA PHE B 191 -2.32 -18.34 -9.00
C PHE B 191 -3.29 -17.14 -9.03
N SER B 192 -3.73 -16.75 -10.24
CA SER B 192 -4.54 -15.52 -10.33
CA SER B 192 -4.60 -15.56 -10.40
C SER B 192 -5.84 -15.59 -9.53
N LEU B 193 -6.62 -16.69 -9.64
CA LEU B 193 -7.89 -16.75 -8.91
C LEU B 193 -7.65 -16.79 -7.42
N TYR B 194 -6.68 -17.58 -6.99
CA TYR B 194 -6.34 -17.58 -5.55
C TYR B 194 -5.99 -16.12 -5.04
N ASN B 195 -5.14 -15.41 -5.80
CA ASN B 195 -4.70 -14.03 -5.49
CA ASN B 195 -4.74 -14.05 -5.42
C ASN B 195 -5.86 -13.04 -5.47
N MET B 196 -6.74 -13.18 -6.46
CA MET B 196 -7.96 -12.36 -6.50
C MET B 196 -8.81 -12.55 -5.21
N GLY B 197 -8.97 -13.81 -4.83
CA GLY B 197 -9.73 -14.15 -3.62
C GLY B 197 -9.08 -13.53 -2.40
N LYS B 198 -7.76 -13.65 -2.26
CA LYS B 198 -7.09 -13.04 -1.10
C LYS B 198 -7.13 -11.51 -1.13
N HIS B 199 -6.99 -10.86 -2.30
CA HIS B 199 -7.22 -9.40 -2.36
C HIS B 199 -8.62 -9.04 -1.96
N ALA B 200 -9.59 -9.83 -2.44
CA ALA B 200 -10.99 -9.58 -2.09
C ALA B 200 -11.13 -9.63 -0.58
N LEU B 201 -10.37 -10.52 0.04
CA LEU B 201 -10.43 -10.70 1.51
C LEU B 201 -9.84 -9.51 2.27
N VAL B 202 -8.84 -8.87 1.67
CA VAL B 202 -8.30 -7.62 2.21
C VAL B 202 -9.40 -6.57 2.17
N GLY B 203 -10.07 -6.47 1.02
CA GLY B 203 -11.19 -5.53 0.89
C GLY B 203 -12.29 -5.76 1.88
N LEU B 204 -12.67 -7.02 2.07
CA LEU B 204 -13.63 -7.37 3.12
C LEU B 204 -13.18 -6.90 4.53
N THR B 205 -11.92 -7.19 4.87
CA THR B 205 -11.39 -6.80 6.18
C THR B 205 -11.53 -5.29 6.41
N GLN B 206 -11.12 -4.50 5.42
CA GLN B 206 -11.33 -3.04 5.48
C GLN B 206 -12.78 -2.60 5.50
N SER B 207 -13.58 -3.06 4.52
CA SER B 207 -15.01 -2.67 4.49
C SER B 207 -15.75 -3.11 5.73
N ALA B 208 -15.50 -4.33 6.21
CA ALA B 208 -16.24 -4.79 7.39
C ALA B 208 -15.74 -4.08 8.63
N ALA B 209 -14.45 -3.83 8.74
CA ALA B 209 -13.92 -3.04 9.88
C ALA B 209 -14.66 -1.68 9.96
N LEU B 210 -14.80 -0.99 8.83
CA LEU B 210 -15.45 0.30 8.81
C LEU B 210 -16.92 0.20 9.23
N GLU B 211 -17.64 -0.76 8.64
CA GLU B 211 -19.12 -0.83 8.76
C GLU B 211 -19.55 -1.40 10.13
N LEU B 212 -18.73 -2.28 10.70
CA LEU B 212 -19.08 -2.97 11.96
C LEU B 212 -18.47 -2.31 13.21
N ALA B 213 -17.56 -1.35 13.02
CA ALA B 213 -17.01 -0.59 14.16
C ALA B 213 -18.11 0.05 15.04
N PRO B 214 -19.17 0.64 14.45
CA PRO B 214 -20.28 1.13 15.30
C PRO B 214 -20.91 0.08 16.23
N TYR B 215 -20.85 -1.19 15.86
CA TYR B 215 -21.42 -2.28 16.65
C TYR B 215 -20.37 -2.88 17.58
N GLY B 216 -19.16 -2.29 17.58
CA GLY B 216 -18.10 -2.68 18.49
C GLY B 216 -17.42 -3.97 18.05
N ILE B 217 -17.64 -4.36 16.80
CA ILE B 217 -16.98 -5.57 16.26
C ILE B 217 -15.74 -5.16 15.49
N ARG B 218 -14.58 -5.64 15.94
CA ARG B 218 -13.34 -5.33 15.26
C ARG B 218 -13.12 -6.39 14.17
N VAL B 219 -12.44 -6.00 13.09
CA VAL B 219 -12.22 -6.90 11.95
C VAL B 219 -10.79 -6.68 11.49
N ASN B 220 -9.96 -7.73 11.57
CA ASN B 220 -8.53 -7.65 11.27
C ASN B 220 -8.08 -8.86 10.47
N GLY B 221 -6.85 -8.81 10.01
CA GLY B 221 -6.27 -9.95 9.28
C GLY B 221 -4.92 -10.35 9.78
N VAL B 222 -4.58 -11.62 9.54
CA VAL B 222 -3.24 -12.12 9.78
C VAL B 222 -2.77 -12.64 8.44
N ALA B 223 -1.59 -12.20 8.00
CA ALA B 223 -1.08 -12.52 6.67
C ALA B 223 0.24 -13.32 6.72
N PRO B 224 0.13 -14.64 6.68
CA PRO B 224 1.34 -15.47 6.68
C PRO B 224 2.11 -15.25 5.37
N GLY B 225 3.41 -15.51 5.37
CA GLY B 225 4.19 -15.53 4.13
C GLY B 225 4.38 -16.99 3.75
N VAL B 226 5.49 -17.59 4.13
CA VAL B 226 5.64 -19.03 4.01
C VAL B 226 5.41 -19.61 5.39
N SER B 227 4.37 -20.42 5.53
CA SER B 227 4.14 -21.16 6.77
C SER B 227 4.15 -22.65 6.39
N LEU B 228 3.24 -23.43 6.96
CA LEU B 228 3.22 -24.88 6.72
C LEU B 228 3.29 -25.22 5.22
N LEU B 229 4.37 -25.86 4.81
CA LEU B 229 4.54 -26.27 3.42
C LEU B 229 3.68 -27.49 3.09
N PRO B 230 3.47 -27.80 1.79
CA PRO B 230 2.65 -28.98 1.48
C PRO B 230 3.31 -30.27 1.99
N VAL B 231 2.49 -31.17 2.54
CA VAL B 231 3.00 -32.44 3.08
C VAL B 231 3.83 -33.18 2.04
N ALA B 232 3.34 -33.21 0.80
CA ALA B 232 3.97 -33.99 -0.26
C ALA B 232 5.19 -33.31 -0.88
N MET B 233 5.36 -32.02 -0.60
CA MET B 233 6.45 -31.26 -1.20
C MET B 233 7.79 -31.88 -0.77
N GLY B 234 8.67 -32.18 -1.72
CA GLY B 234 10.00 -32.69 -1.36
C GLY B 234 10.78 -31.69 -0.52
N GLU B 235 11.53 -32.18 0.47
CA GLU B 235 12.38 -31.33 1.32
C GLU B 235 13.28 -30.39 0.51
N GLU B 236 13.83 -30.88 -0.61
CA GLU B 236 14.65 -30.02 -1.48
C GLU B 236 13.87 -28.77 -1.94
N GLU B 237 12.60 -28.96 -2.31
CA GLU B 237 11.78 -27.81 -2.70
C GLU B 237 11.38 -26.98 -1.47
N LYS B 238 11.12 -27.67 -0.35
CA LYS B 238 10.81 -26.96 0.91
C LYS B 238 11.97 -26.04 1.32
N ASP B 239 13.18 -26.51 1.11
CA ASP B 239 14.37 -25.73 1.44
C ASP B 239 14.56 -24.50 0.54
N LYS B 240 14.09 -24.55 -0.71
CA LYS B 240 14.18 -23.38 -1.59
C LYS B 240 13.34 -22.24 -1.02
N TRP B 241 12.16 -22.59 -0.50
CA TRP B 241 11.29 -21.61 0.17
C TRP B 241 11.89 -21.10 1.48
N ARG B 242 12.33 -22.04 2.32
CA ARG B 242 12.88 -21.70 3.63
C ARG B 242 14.04 -20.72 3.52
N ARG B 243 14.93 -20.97 2.56
CA ARG B 243 16.09 -20.09 2.31
C ARG B 243 15.78 -18.66 1.86
N LYS B 244 14.56 -18.43 1.34
CA LYS B 244 14.11 -17.08 0.95
C LYS B 244 13.78 -16.18 2.15
N VAL B 245 13.50 -16.78 3.31
CA VAL B 245 12.99 -16.03 4.47
C VAL B 245 14.19 -15.46 5.24
N PRO B 246 14.28 -14.11 5.32
CA PRO B 246 15.38 -13.45 6.03
C PRO B 246 15.51 -13.85 7.50
N LEU B 247 14.40 -13.94 8.21
CA LEU B 247 14.41 -14.21 9.65
C LEU B 247 14.42 -15.73 9.91
N GLY B 248 15.62 -16.28 9.97
CA GLY B 248 15.82 -17.66 10.43
C GLY B 248 15.78 -18.72 9.34
N ARG B 249 15.52 -18.31 8.09
CA ARG B 249 15.56 -19.21 6.95
C ARG B 249 14.71 -20.44 7.23
N ARG B 250 13.53 -20.19 7.74
CA ARG B 250 12.54 -21.22 8.02
C ARG B 250 11.13 -20.66 7.82
N GLU B 251 10.18 -21.56 7.59
CA GLU B 251 8.76 -21.17 7.50
C GLU B 251 8.19 -20.91 8.90
N ALA B 252 7.12 -20.13 8.96
CA ALA B 252 6.39 -19.94 10.22
C ALA B 252 5.73 -21.26 10.65
N SER B 253 5.82 -21.58 11.93
CA SER B 253 4.97 -22.65 12.46
C SER B 253 3.52 -22.19 12.47
N ALA B 254 2.59 -23.15 12.56
CA ALA B 254 1.18 -22.80 12.67
C ALA B 254 0.98 -22.03 13.96
N GLU B 255 1.77 -22.36 14.99
CA GLU B 255 1.58 -21.72 16.31
C GLU B 255 1.96 -20.24 16.29
N GLN B 256 2.95 -19.91 15.46
CA GLN B 256 3.34 -18.50 15.26
C GLN B 256 2.23 -17.68 14.57
N ILE B 257 1.60 -18.28 13.57
CA ILE B 257 0.42 -17.65 12.96
C ILE B 257 -0.67 -17.51 14.01
N ALA B 258 -0.95 -18.60 14.74
CA ALA B 258 -1.98 -18.54 15.79
C ALA B 258 -1.72 -17.45 16.83
N ASP B 259 -0.45 -17.21 17.15
CA ASP B 259 -0.10 -16.18 18.17
C ASP B 259 -0.63 -14.80 17.79
N ALA B 260 -0.56 -14.50 16.49
CA ALA B 260 -1.00 -13.20 16.00
C ALA B 260 -2.52 -13.13 16.04
N VAL B 261 -3.20 -14.22 15.71
CA VAL B 261 -4.67 -14.28 15.85
C VAL B 261 -5.10 -14.03 17.32
N ILE B 262 -4.45 -14.74 18.24
CA ILE B 262 -4.69 -14.58 19.68
C ILE B 262 -4.50 -13.14 20.16
N PHE B 263 -3.41 -12.51 19.72
CA PHE B 263 -3.27 -11.07 19.96
C PHE B 263 -4.47 -10.25 19.49
N LEU B 264 -4.87 -10.41 18.23
CA LEU B 264 -5.96 -9.61 17.64
C LEU B 264 -7.32 -9.78 18.32
N VAL B 265 -7.58 -10.97 18.86
CA VAL B 265 -8.88 -11.19 19.51
C VAL B 265 -8.82 -10.71 20.97
N SER B 266 -7.60 -10.47 21.48
CA SER B 266 -7.43 -10.17 22.93
C SER B 266 -7.78 -8.74 23.28
N GLY B 267 -7.91 -8.50 24.58
CA GLY B 267 -8.06 -7.15 25.14
C GLY B 267 -6.91 -6.19 24.87
N SER B 268 -5.75 -6.73 24.48
CA SER B 268 -4.59 -5.91 24.08
C SER B 268 -4.67 -5.33 22.68
N ALA B 269 -5.73 -5.66 21.92
CA ALA B 269 -5.95 -5.16 20.57
C ALA B 269 -7.27 -4.41 20.45
N GLN B 270 -7.73 -3.85 21.56
CA GLN B 270 -9.08 -3.33 21.59
C GLN B 270 -9.31 -2.08 20.73
N TYR B 271 -8.23 -1.44 20.29
CA TYR B 271 -8.39 -0.27 19.40
C TYR B 271 -8.00 -0.62 17.97
N ILE B 272 -7.65 -1.88 17.75
CA ILE B 272 -7.15 -2.28 16.46
C ILE B 272 -8.31 -2.81 15.63
N THR B 273 -8.59 -2.11 14.55
CA THR B 273 -9.54 -2.64 13.55
C THR B 273 -9.09 -2.22 12.16
N GLY B 274 -9.30 -3.12 11.20
CA GLY B 274 -8.95 -2.90 9.80
C GLY B 274 -7.44 -3.02 9.56
N SER B 275 -6.73 -3.66 10.49
CA SER B 275 -5.30 -3.83 10.38
C SER B 275 -5.00 -5.22 9.94
N ILE B 276 -3.97 -5.37 9.10
CA ILE B 276 -3.49 -6.69 8.71
C ILE B 276 -2.06 -6.88 9.17
N ILE B 277 -1.83 -7.88 10.03
CA ILE B 277 -0.49 -8.17 10.57
C ILE B 277 0.23 -9.22 9.72
N LYS B 278 1.33 -8.83 9.06
CA LYS B 278 2.16 -9.80 8.33
C LYS B 278 2.87 -10.62 9.36
N VAL B 279 2.91 -11.93 9.13
CA VAL B 279 3.68 -12.82 9.96
C VAL B 279 4.51 -13.62 8.98
N ASP B 280 5.56 -12.96 8.44
CA ASP B 280 6.25 -13.58 7.30
C ASP B 280 7.77 -13.60 7.35
N GLY B 281 8.34 -13.23 8.50
CA GLY B 281 9.81 -13.33 8.69
C GLY B 281 10.58 -12.43 7.70
N GLY B 282 9.91 -11.39 7.20
CA GLY B 282 10.49 -10.47 6.25
C GLY B 282 10.45 -10.92 4.79
N LEU B 283 9.79 -12.06 4.50
CA LEU B 283 9.75 -12.60 3.13
C LEU B 283 9.25 -11.59 2.10
N SER B 284 8.17 -10.86 2.43
CA SER B 284 7.61 -9.90 1.49
C SER B 284 8.54 -8.70 1.18
N LEU B 285 9.61 -8.52 1.96
CA LEU B 285 10.56 -7.43 1.78
C LEU B 285 11.66 -7.75 0.80
N VAL B 286 11.71 -9.01 0.39
CA VAL B 286 12.85 -9.51 -0.41
C VAL B 286 12.57 -9.33 -1.93
N HIS B 287 13.44 -8.61 -2.64
CA HIS B 287 13.26 -8.38 -4.08
C HIS B 287 13.62 -9.62 -4.90
N ALA B 288 13.19 -9.66 -6.17
CA ALA B 288 13.49 -10.76 -7.08
C ALA B 288 14.97 -11.10 -7.15
N ALA C 23 6.12 29.79 -24.92
CA ALA C 23 6.45 28.36 -24.65
C ALA C 23 6.66 28.11 -23.15
N PRO C 24 6.13 27.00 -22.62
CA PRO C 24 6.31 26.75 -21.18
C PRO C 24 7.76 26.35 -20.91
N ALA C 25 8.16 26.38 -19.64
CA ALA C 25 9.55 26.13 -19.27
C ALA C 25 9.65 25.11 -18.15
N ALA C 26 10.70 24.29 -18.18
CA ALA C 26 10.83 23.21 -17.19
C ALA C 26 12.23 23.22 -16.57
N VAL C 27 12.29 22.97 -15.27
CA VAL C 27 13.56 22.73 -14.58
C VAL C 27 13.74 21.21 -14.42
N VAL C 28 14.86 20.69 -14.90
CA VAL C 28 15.19 19.27 -14.66
C VAL C 28 16.49 19.14 -13.86
N THR C 29 16.40 18.62 -12.64
CA THR C 29 17.62 18.47 -11.82
C THR C 29 18.40 17.24 -12.27
N GLY C 30 19.72 17.26 -12.12
CA GLY C 30 20.61 16.19 -12.60
C GLY C 30 20.38 15.82 -14.06
N ALA C 31 20.22 16.84 -14.90
CA ALA C 31 19.81 16.65 -16.30
C ALA C 31 20.94 16.40 -17.31
N ALA C 32 22.18 16.30 -16.84
CA ALA C 32 23.31 16.22 -17.79
C ALA C 32 23.45 14.87 -18.47
N LYS C 33 23.10 13.81 -17.73
CA LYS C 33 23.34 12.43 -18.15
C LYS C 33 22.11 11.56 -17.90
N ARG C 34 22.12 10.40 -18.55
CA ARG C 34 21.23 9.28 -18.25
C ARG C 34 19.76 9.66 -18.26
N ILE C 35 19.04 9.40 -17.16
CA ILE C 35 17.59 9.57 -17.15
C ILE C 35 17.21 11.05 -17.22
N GLY C 36 17.88 11.89 -16.43
CA GLY C 36 17.63 13.34 -16.44
C GLY C 36 17.87 13.92 -17.81
N ARG C 37 18.91 13.48 -18.49
CA ARG C 37 19.12 13.93 -19.88
C ARG C 37 17.94 13.56 -20.80
N ALA C 38 17.48 12.31 -20.72
CA ALA C 38 16.37 11.82 -21.56
C ALA C 38 15.08 12.62 -21.30
N ILE C 39 14.86 12.93 -20.03
CA ILE C 39 13.73 13.75 -19.62
C ILE C 39 13.83 15.16 -20.23
N ALA C 40 14.98 15.82 -20.07
CA ALA C 40 15.17 17.16 -20.64
C ALA C 40 14.98 17.19 -22.16
N VAL C 41 15.55 16.19 -22.85
CA VAL C 41 15.43 16.11 -24.31
C VAL C 41 13.97 15.96 -24.74
N LYS C 42 13.28 15.00 -24.12
CA LYS C 42 11.90 14.74 -24.46
C LYS C 42 11.04 15.97 -24.14
N LEU C 43 11.27 16.63 -22.99
CA LEU C 43 10.56 17.88 -22.70
C LEU C 43 10.83 18.90 -23.80
N HIS C 44 12.10 19.04 -24.15
CA HIS C 44 12.49 19.97 -25.19
C HIS C 44 11.80 19.63 -26.53
N GLN C 45 11.74 18.34 -26.85
CA GLN C 45 11.07 17.91 -28.10
C GLN C 45 9.56 18.20 -28.10
N THR C 46 8.97 18.18 -26.92
CA THR C 46 7.56 18.51 -26.72
C THR C 46 7.28 20.02 -26.83
N GLY C 47 8.34 20.82 -26.79
CA GLY C 47 8.20 22.27 -26.95
C GLY C 47 8.52 23.11 -25.72
N TYR C 48 9.02 22.48 -24.65
CA TYR C 48 9.47 23.23 -23.46
C TYR C 48 10.81 23.88 -23.68
N ARG C 49 11.00 25.02 -23.02
CA ARG C 49 12.32 25.59 -22.79
C ARG C 49 12.82 24.93 -21.48
N VAL C 50 14.12 24.63 -21.36
CA VAL C 50 14.60 23.82 -20.23
CA VAL C 50 14.61 23.79 -20.26
C VAL C 50 15.84 24.38 -19.54
N VAL C 51 15.83 24.27 -18.21
CA VAL C 51 17.01 24.54 -17.39
C VAL C 51 17.66 23.19 -17.10
N ILE C 52 18.89 23.03 -17.57
CA ILE C 52 19.60 21.78 -17.38
C ILE C 52 20.44 21.95 -16.13
N HIS C 53 19.97 21.40 -15.01
CA HIS C 53 20.76 21.50 -13.78
C HIS C 53 21.83 20.42 -13.72
N TYR C 54 22.98 20.75 -13.12
CA TYR C 54 24.07 19.80 -12.93
C TYR C 54 24.84 20.12 -11.64
N HIS C 55 25.56 19.14 -11.10
CA HIS C 55 26.50 19.32 -10.00
C HIS C 55 27.95 19.20 -10.52
N ASN C 56 28.39 18.00 -10.91
CA ASN C 56 29.76 17.80 -11.40
C ASN C 56 29.90 17.80 -12.92
N SER C 57 28.80 17.51 -13.61
CA SER C 57 28.84 17.21 -15.04
C SER C 57 28.65 18.45 -15.93
N ALA C 58 29.51 19.45 -15.74
CA ALA C 58 29.46 20.70 -16.50
C ALA C 58 29.56 20.52 -18.03
N GLU C 59 30.55 19.74 -18.45
CA GLU C 59 30.85 19.50 -19.86
C GLU C 59 29.64 18.86 -20.55
N ALA C 60 29.10 17.81 -19.92
CA ALA C 60 27.90 17.14 -20.40
C ALA C 60 26.67 18.08 -20.44
N ALA C 61 26.51 18.93 -19.43
CA ALA C 61 25.34 19.82 -19.35
C ALA C 61 25.35 20.84 -20.50
N VAL C 62 26.51 21.45 -20.71
CA VAL C 62 26.72 22.41 -21.78
C VAL C 62 26.56 21.73 -23.15
N SER C 63 27.10 20.52 -23.27
CA SER C 63 26.97 19.73 -24.51
C SER C 63 25.50 19.50 -24.90
N LEU C 64 24.66 19.14 -23.92
CA LEU C 64 23.21 18.99 -24.11
C LEU C 64 22.57 20.31 -24.48
N ALA C 65 22.94 21.38 -23.74
CA ALA C 65 22.40 22.71 -24.00
C ALA C 65 22.66 23.12 -25.43
N ASP C 66 23.89 22.86 -25.91
CA ASP C 66 24.34 23.18 -27.26
C ASP C 66 23.46 22.49 -28.29
N GLU C 67 23.28 21.18 -28.11
CA GLU C 67 22.45 20.34 -28.97
C GLU C 67 21.00 20.84 -29.05
N LEU C 68 20.43 21.18 -27.90
CA LEU C 68 19.06 21.71 -27.82
C LEU C 68 18.94 23.12 -28.39
N ASN C 69 19.91 23.99 -28.13
CA ASN C 69 19.89 25.34 -28.72
C ASN C 69 20.11 25.38 -30.23
N LYS C 70 20.78 24.35 -30.77
CA LYS C 70 20.97 24.21 -32.20
C LYS C 70 19.63 23.83 -32.84
N GLU C 71 18.85 23.00 -32.15
CA GLU C 71 17.49 22.69 -32.58
C GLU C 71 16.56 23.94 -32.58
N ARG C 72 16.54 24.69 -31.48
CA ARG C 72 15.78 25.95 -31.35
C ARG C 72 16.58 26.94 -30.51
N SER C 73 16.91 28.11 -31.09
CA SER C 73 17.77 29.08 -30.40
C SER C 73 17.18 29.59 -29.08
N ASN C 74 18.06 29.76 -28.08
CA ASN C 74 17.72 30.30 -26.76
C ASN C 74 16.59 29.52 -26.03
N THR C 75 16.63 28.20 -26.12
CA THR C 75 15.61 27.40 -25.45
C THR C 75 16.17 26.48 -24.34
N ALA C 76 17.48 26.50 -24.13
CA ALA C 76 18.13 25.67 -23.09
C ALA C 76 19.26 26.45 -22.40
N VAL C 77 19.22 26.45 -21.08
CA VAL C 77 20.28 27.04 -20.28
C VAL C 77 20.75 26.03 -19.25
N VAL C 78 21.94 26.25 -18.68
CA VAL C 78 22.45 25.37 -17.63
C VAL C 78 22.49 26.07 -16.28
N CSX C 79 22.43 25.29 -15.22
CA CSX C 79 22.51 25.80 -13.87
CB CSX C 79 21.07 25.99 -13.42
SG CSX C 79 20.98 26.52 -11.66
C CSX C 79 23.29 24.86 -13.00
O CSX C 79 22.95 23.69 -12.88
OD CSX C 79 21.27 28.26 -11.56
N GLN C 80 24.37 25.34 -12.38
CA GLN C 80 25.13 24.53 -11.43
C GLN C 80 24.64 24.68 -10.00
N ALA C 81 24.42 23.56 -9.30
CA ALA C 81 24.24 23.62 -7.84
C ALA C 81 24.47 22.27 -7.18
N ASP C 82 25.23 22.23 -6.08
CA ASP C 82 25.32 21.02 -5.25
C ASP C 82 24.02 20.86 -4.46
N LEU C 83 23.42 19.66 -4.51
CA LEU C 83 22.16 19.43 -3.83
C LEU C 83 22.23 18.65 -2.47
N THR C 84 23.45 18.35 -2.03
CA THR C 84 23.71 17.90 -0.65
C THR C 84 22.97 18.74 0.41
N ASN C 85 22.38 18.12 1.43
CA ASN C 85 21.78 18.87 2.58
C ASN C 85 22.84 19.74 3.30
N SER C 86 22.51 21.03 3.49
CA SER C 86 23.32 21.96 4.29
C SER C 86 22.57 23.24 4.64
N ASN C 87 23.24 24.12 5.38
CA ASN C 87 22.71 25.46 5.66
C ASN C 87 22.46 26.28 4.39
N VAL C 88 23.21 25.99 3.31
CA VAL C 88 23.03 26.69 2.01
C VAL C 88 22.10 26.00 0.99
N LEU C 89 21.68 24.75 1.24
CA LEU C 89 20.76 24.08 0.32
C LEU C 89 19.50 24.92 0.01
N PRO C 90 18.88 25.56 1.04
CA PRO C 90 17.71 26.37 0.68
C PRO C 90 18.00 27.48 -0.36
N ALA C 91 19.13 28.18 -0.19
CA ALA C 91 19.51 29.19 -1.16
C ALA C 91 19.80 28.59 -2.55
N SER C 92 20.46 27.44 -2.61
CA SER C 92 20.72 26.79 -3.90
C SER C 92 19.43 26.45 -4.64
N CYS C 93 18.47 25.85 -3.92
CA CYS C 93 17.22 25.44 -4.53
C CYS C 93 16.45 26.67 -5.00
N GLU C 94 16.46 27.72 -4.18
CA GLU C 94 15.82 28.99 -4.56
C GLU C 94 16.38 29.54 -5.88
N GLU C 95 17.69 29.40 -6.07
CA GLU C 95 18.34 29.97 -7.24
C GLU C 95 18.16 29.11 -8.50
N ILE C 96 17.96 27.80 -8.30
CA ILE C 96 17.61 26.92 -9.44
C ILE C 96 16.25 27.36 -10.02
N ILE C 97 15.28 27.56 -9.13
CA ILE C 97 13.95 27.98 -9.56
C ILE C 97 14.03 29.36 -10.19
N ASN C 98 14.80 30.26 -9.54
CA ASN C 98 14.99 31.60 -10.07
CA ASN C 98 15.03 31.62 -10.05
C ASN C 98 15.64 31.63 -11.45
N SER C 99 16.60 30.73 -11.67
CA SER C 99 17.24 30.68 -12.98
C SER C 99 16.21 30.46 -14.11
N CYS C 100 15.19 29.65 -13.83
CA CYS C 100 14.14 29.40 -14.82
C CYS C 100 13.32 30.66 -15.11
N PHE C 101 12.92 31.37 -14.06
CA PHE C 101 12.24 32.66 -14.24
C PHE C 101 13.10 33.74 -14.94
N ARG C 102 14.37 33.83 -14.58
CA ARG C 102 15.31 34.75 -15.22
C ARG C 102 15.45 34.47 -16.73
N ALA C 103 15.67 33.20 -17.07
CA ALA C 103 15.93 32.82 -18.46
C ALA C 103 14.66 32.90 -19.32
N PHE C 104 13.54 32.44 -18.76
CA PHE C 104 12.36 32.17 -19.57
C PHE C 104 11.10 32.93 -19.13
N GLY C 105 11.18 33.59 -17.99
CA GLY C 105 10.09 34.45 -17.50
C GLY C 105 8.91 33.67 -16.92
N ARG C 106 9.12 32.38 -16.69
CA ARG C 106 8.09 31.52 -16.12
C ARG C 106 8.73 30.18 -15.75
N CYS C 107 8.06 29.43 -14.86
CA CYS C 107 8.48 28.06 -14.54
C CYS C 107 7.22 27.22 -14.37
N ASP C 108 6.97 26.37 -15.35
CA ASP C 108 5.77 25.55 -15.41
C ASP C 108 5.94 24.16 -14.84
N VAL C 109 7.14 23.60 -14.96
CA VAL C 109 7.39 22.21 -14.60
C VAL C 109 8.70 22.10 -13.81
N LEU C 110 8.63 21.33 -12.72
CA LEU C 110 9.82 20.96 -11.95
C LEU C 110 9.95 19.45 -11.98
N VAL C 111 11.08 18.93 -12.44
CA VAL C 111 11.34 17.50 -12.41
C VAL C 111 12.48 17.27 -11.41
N ASN C 112 12.17 16.59 -10.30
CA ASN C 112 13.16 16.27 -9.28
C ASN C 112 13.74 14.89 -9.58
N ASN C 113 14.83 14.92 -10.33
CA ASN C 113 15.47 13.74 -10.84
C ASN C 113 16.82 13.45 -10.17
N ALA C 114 17.55 14.52 -9.77
CA ALA C 114 18.89 14.36 -9.18
C ALA C 114 18.87 13.39 -8.02
N SER C 115 19.87 12.52 -7.92
CA SER C 115 19.81 11.46 -6.93
C SER C 115 21.15 10.79 -6.66
N ALA C 116 21.55 10.75 -5.37
CA ALA C 116 22.70 10.00 -4.91
C ALA C 116 22.25 8.56 -4.64
N PHE C 117 23.13 7.61 -4.91
CA PHE C 117 22.77 6.20 -4.80
C PHE C 117 23.99 5.35 -4.48
N TYR C 118 23.98 4.76 -3.28
CA TYR C 118 25.06 3.91 -2.82
C TYR C 118 24.69 3.29 -1.48
N PRO C 119 25.31 2.15 -1.12
CA PRO C 119 24.96 1.42 0.10
C PRO C 119 25.45 2.14 1.35
N THR C 120 24.70 1.99 2.44
CA THR C 120 25.08 2.48 3.77
C THR C 120 24.77 1.37 4.76
N PRO C 121 25.64 0.34 4.86
CA PRO C 121 25.29 -0.80 5.73
C PRO C 121 25.04 -0.39 7.18
N LEU C 122 24.09 -1.05 7.86
CA LEU C 122 23.82 -0.78 9.27
C LEU C 122 24.86 -1.41 10.22
N VAL C 123 25.43 -2.55 9.82
CA VAL C 123 26.46 -3.18 10.64
C VAL C 123 27.82 -3.09 9.94
N GLY C 133 36.49 6.50 3.33
CA GLY C 133 35.19 6.81 2.74
C GLY C 133 34.38 7.84 3.52
N LYS C 134 33.15 8.06 3.07
CA LYS C 134 32.24 9.07 3.63
C LYS C 134 31.87 8.86 5.09
N THR C 135 31.88 9.95 5.85
CA THR C 135 31.33 9.96 7.21
C THR C 135 29.83 9.65 7.12
N VAL C 136 29.25 9.10 8.19
CA VAL C 136 27.80 8.87 8.20
C VAL C 136 27.04 10.16 7.97
N GLU C 137 27.51 11.25 8.58
CA GLU C 137 26.82 12.53 8.39
C GLU C 137 26.84 13.04 6.93
N THR C 138 27.89 12.71 6.18
CA THR C 138 27.92 13.02 4.76
C THR C 138 26.96 12.12 3.96
N GLN C 139 26.94 10.83 4.31
CA GLN C 139 25.98 9.92 3.68
C GLN C 139 24.53 10.41 3.87
N VAL C 140 24.22 10.87 5.09
CA VAL C 140 22.91 11.45 5.38
C VAL C 140 22.64 12.68 4.50
N ALA C 141 23.62 13.59 4.47
CA ALA C 141 23.48 14.83 3.70
C ALA C 141 23.23 14.57 2.20
N GLU C 142 23.91 13.59 1.64
CA GLU C 142 23.74 13.25 0.24
C GLU C 142 22.49 12.45 -0.02
N LEU C 143 22.32 11.33 0.69
CA LEU C 143 21.23 10.42 0.39
C LEU C 143 19.86 10.93 0.82
N ILE C 144 19.82 11.75 1.87
CA ILE C 144 18.56 12.33 2.29
C ILE C 144 18.43 13.74 1.69
N GLY C 145 19.53 14.49 1.70
CA GLY C 145 19.53 15.84 1.10
C GLY C 145 19.16 15.83 -0.37
N THR C 146 19.92 15.11 -1.20
CA THR C 146 19.57 15.11 -2.63
C THR C 146 18.25 14.45 -2.96
N ASN C 147 17.93 13.35 -2.28
CA ASN C 147 16.76 12.56 -2.66
C ASN C 147 15.46 13.09 -2.14
N ALA C 148 15.51 13.88 -1.07
CA ALA C 148 14.28 14.24 -0.39
C ALA C 148 14.20 15.72 0.00
N ILE C 149 15.24 16.21 0.69
CA ILE C 149 15.23 17.59 1.19
CA ILE C 149 15.23 17.59 1.18
C ILE C 149 15.32 18.59 0.03
N ALA C 150 16.22 18.35 -0.92
CA ALA C 150 16.29 19.25 -2.09
C ALA C 150 14.95 19.26 -2.83
N PRO C 151 14.36 18.09 -3.15
CA PRO C 151 13.01 18.12 -3.74
C PRO C 151 12.01 18.93 -2.90
N PHE C 152 12.07 18.82 -1.57
CA PHE C 152 11.18 19.61 -0.72
C PHE C 152 11.40 21.15 -0.92
N LEU C 153 12.66 21.57 -0.87
CA LEU C 153 13.01 22.99 -0.98
C LEU C 153 12.75 23.55 -2.38
N LEU C 154 13.01 22.74 -3.41
CA LEU C 154 12.68 23.11 -4.77
C LEU C 154 11.17 23.25 -4.97
N THR C 155 10.42 22.39 -4.31
CA THR C 155 8.95 22.42 -4.36
C THR C 155 8.42 23.70 -3.74
N MET C 156 8.92 24.00 -2.54
CA MET C 156 8.58 25.24 -1.83
C MET C 156 8.88 26.50 -2.68
N SER C 157 10.11 26.59 -3.21
CA SER C 157 10.48 27.69 -4.09
C SER C 157 9.60 27.77 -5.33
N PHE C 158 9.33 26.64 -5.96
CA PHE C 158 8.48 26.58 -7.16
C PHE C 158 7.08 27.12 -6.86
N ALA C 159 6.50 26.66 -5.76
CA ALA C 159 5.16 27.06 -5.35
C ALA C 159 5.08 28.54 -4.97
N GLN C 160 6.06 29.02 -4.21
CA GLN C 160 6.07 30.43 -3.80
C GLN C 160 6.24 31.43 -4.95
N ARG C 161 7.04 31.08 -5.95
CA ARG C 161 7.23 31.94 -7.11
C ARG C 161 6.00 31.97 -8.04
N GLN C 162 5.02 31.08 -7.84
CA GLN C 162 3.79 31.13 -8.65
C GLN C 162 2.76 32.13 -8.09
N ASN C 173 -0.88 24.96 -16.84
CA ASN C 173 -0.62 23.55 -16.49
C ASN C 173 0.71 23.36 -15.74
N LEU C 174 0.66 23.67 -14.45
CA LEU C 174 1.81 23.62 -13.57
C LEU C 174 1.90 22.24 -12.91
N SER C 175 3.07 21.63 -12.96
CA SER C 175 3.23 20.36 -12.26
C SER C 175 4.66 20.06 -11.86
N ILE C 176 4.77 19.18 -10.88
CA ILE C 176 6.02 18.68 -10.40
C ILE C 176 6.03 17.16 -10.61
N VAL C 177 7.16 16.62 -11.03
CA VAL C 177 7.31 15.19 -11.13
C VAL C 177 8.53 14.79 -10.33
N ASN C 178 8.33 13.91 -9.35
CA ASN C 178 9.41 13.35 -8.55
C ASN C 178 9.83 11.97 -9.02
N LEU C 179 11.15 11.78 -9.20
CA LEU C 179 11.67 10.48 -9.62
C LEU C 179 11.86 9.60 -8.39
N CYS C 180 10.96 8.62 -8.30
CA CYS C 180 10.83 7.72 -7.17
C CYS C 180 11.59 6.41 -7.44
N ASP C 181 11.15 5.30 -6.84
CA ASP C 181 11.84 4.02 -7.06
C ASP C 181 10.76 2.95 -6.85
N ALA C 182 10.60 2.03 -7.83
CA ALA C 182 9.48 1.09 -7.79
C ALA C 182 9.78 0.01 -6.76
N MET C 183 11.04 -0.09 -6.35
CA MET C 183 11.44 -1.11 -5.38
C MET C 183 11.55 -0.59 -3.95
N VAL C 184 10.86 0.51 -3.64
CA VAL C 184 10.85 1.06 -2.27
C VAL C 184 10.42 0.07 -1.18
N ASP C 185 9.44 -0.80 -1.48
CA ASP C 185 9.00 -1.80 -0.49
C ASP C 185 9.71 -3.16 -0.56
N GLN C 186 10.67 -3.29 -1.48
CA GLN C 186 11.49 -4.49 -1.58
C GLN C 186 12.90 -4.02 -1.82
N PRO C 187 13.47 -3.31 -0.83
CA PRO C 187 14.70 -2.55 -1.09
C PRO C 187 15.96 -3.41 -1.29
N CSX C 188 16.96 -2.87 -1.97
CA CSX C 188 18.31 -3.45 -2.03
CB CSX C 188 19.26 -2.53 -2.80
SG CSX C 188 18.73 -2.33 -4.54
C CSX C 188 18.84 -3.59 -0.61
O CSX C 188 18.68 -2.70 0.22
OD CSX C 188 19.10 -3.85 -5.36
N MET C 189 19.46 -4.73 -0.32
CA MET C 189 20.08 -4.95 0.98
C MET C 189 21.16 -3.89 1.26
N ALA C 190 21.17 -3.37 2.48
CA ALA C 190 22.22 -2.42 2.93
C ALA C 190 22.08 -1.02 2.28
N PHE C 191 20.90 -0.72 1.75
CA PHE C 191 20.63 0.60 1.18
C PHE C 191 19.65 1.39 2.05
N SER C 192 19.77 1.33 3.38
CA SER C 192 18.73 1.95 4.22
CA SER C 192 18.79 1.98 4.29
C SER C 192 18.54 3.44 3.98
N LEU C 193 19.63 4.22 3.97
CA LEU C 193 19.50 5.68 3.80
C LEU C 193 18.92 6.06 2.47
N TYR C 194 19.40 5.40 1.42
CA TYR C 194 18.80 5.60 0.10
C TYR C 194 17.27 5.29 0.14
N ASN C 195 16.90 4.14 0.70
CA ASN C 195 15.49 3.73 0.73
C ASN C 195 14.69 4.72 1.56
N MET C 196 15.30 5.18 2.64
CA MET C 196 14.63 6.19 3.51
C MET C 196 14.32 7.48 2.74
N GLY C 197 15.30 7.93 1.94
CA GLY C 197 15.19 9.17 1.17
C GLY C 197 14.11 8.99 0.12
N LYS C 198 14.07 7.82 -0.54
CA LYS C 198 12.99 7.59 -1.54
C LYS C 198 11.61 7.45 -0.93
N HIS C 199 11.51 6.81 0.24
CA HIS C 199 10.24 6.87 0.98
C HIS C 199 9.83 8.28 1.33
N ALA C 200 10.79 9.08 1.78
CA ALA C 200 10.49 10.47 2.12
C ALA C 200 9.99 11.20 0.88
N LEU C 201 10.55 10.86 -0.30
CA LEU C 201 10.13 11.45 -1.60
C LEU C 201 8.69 11.10 -1.94
N VAL C 202 8.28 9.88 -1.61
CA VAL C 202 6.85 9.50 -1.74
C VAL C 202 5.98 10.37 -0.83
N GLY C 203 6.43 10.51 0.42
CA GLY C 203 5.69 11.33 1.39
C GLY C 203 5.60 12.78 0.89
N LEU C 204 6.67 13.31 0.30
CA LEU C 204 6.62 14.67 -0.26
C LEU C 204 5.60 14.74 -1.41
N THR C 205 5.64 13.75 -2.30
CA THR C 205 4.72 13.74 -3.44
C THR C 205 3.29 13.82 -2.94
N GLN C 206 2.92 13.02 -1.93
CA GLN C 206 1.55 13.04 -1.41
C GLN C 206 1.20 14.35 -0.70
N SER C 207 2.05 14.78 0.24
CA SER C 207 1.75 15.99 1.00
C SER C 207 1.66 17.24 0.12
N ALA C 208 2.59 17.35 -0.83
CA ALA C 208 2.64 18.49 -1.71
C ALA C 208 1.47 18.44 -2.71
N ALA C 209 1.14 17.24 -3.21
CA ALA C 209 -0.02 17.14 -4.09
C ALA C 209 -1.24 17.65 -3.33
N LEU C 210 -1.38 17.25 -2.07
CA LEU C 210 -2.54 17.72 -1.27
C LEU C 210 -2.54 19.24 -1.05
N GLU C 211 -1.40 19.75 -0.59
CA GLU C 211 -1.30 21.17 -0.21
C GLU C 211 -1.27 22.13 -1.41
N LEU C 212 -0.73 21.67 -2.54
CA LEU C 212 -0.61 22.55 -3.69
C LEU C 212 -1.74 22.44 -4.69
N ALA C 213 -2.63 21.46 -4.52
CA ALA C 213 -3.82 21.35 -5.38
C ALA C 213 -4.69 22.64 -5.47
N PRO C 214 -4.94 23.32 -4.32
CA PRO C 214 -5.68 24.58 -4.44
C PRO C 214 -5.03 25.59 -5.38
N TYR C 215 -3.71 25.47 -5.61
CA TYR C 215 -2.98 26.41 -6.47
C TYR C 215 -2.93 25.93 -7.92
N GLY C 216 -3.59 24.81 -8.21
CA GLY C 216 -3.52 24.18 -9.53
C GLY C 216 -2.16 23.57 -9.89
N ILE C 217 -1.30 23.35 -8.87
CA ILE C 217 -0.03 22.65 -9.07
C ILE C 217 -0.23 21.16 -8.77
N ARG C 218 -0.06 20.33 -9.79
CA ARG C 218 -0.16 18.88 -9.62
C ARG C 218 1.21 18.35 -9.21
N VAL C 219 1.25 17.25 -8.44
CA VAL C 219 2.53 16.72 -7.97
C VAL C 219 2.43 15.20 -8.06
N ASN C 220 3.28 14.60 -8.90
CA ASN C 220 3.22 13.17 -9.19
C ASN C 220 4.62 12.58 -9.17
N GLY C 221 4.71 11.26 -9.33
CA GLY C 221 6.00 10.58 -9.36
C GLY C 221 6.10 9.57 -10.48
N VAL C 222 7.33 9.28 -10.90
CA VAL C 222 7.66 8.19 -11.81
C VAL C 222 8.64 7.31 -11.06
N ALA C 223 8.30 6.03 -10.95
CA ALA C 223 9.07 5.09 -10.13
C ALA C 223 9.71 4.06 -11.06
N PRO C 224 10.96 4.32 -11.50
CA PRO C 224 11.66 3.33 -12.31
C PRO C 224 12.01 2.08 -11.50
N GLY C 225 12.15 0.95 -12.19
CA GLY C 225 12.60 -0.30 -11.55
C GLY C 225 14.08 -0.44 -11.79
N VAL C 226 14.46 -1.26 -12.78
CA VAL C 226 15.83 -1.14 -13.29
C VAL C 226 15.79 -0.48 -14.66
N SER C 227 16.43 0.68 -14.72
CA SER C 227 16.61 1.39 -15.96
C SER C 227 18.12 1.26 -16.22
N LEU C 228 18.74 2.33 -16.71
CA LEU C 228 20.20 2.33 -16.92
C LEU C 228 20.93 1.81 -15.68
N LEU C 229 21.70 0.73 -15.88
CA LEU C 229 22.54 0.14 -14.82
C LEU C 229 23.70 1.10 -14.50
N PRO C 230 24.41 0.89 -13.36
CA PRO C 230 25.34 1.96 -12.91
C PRO C 230 26.75 1.89 -13.53
N ASP C 239 23.03 -8.14 -15.95
CA ASP C 239 22.38 -9.28 -16.61
C ASP C 239 21.58 -10.16 -15.64
N LYS C 240 22.07 -10.29 -14.41
CA LYS C 240 21.30 -10.92 -13.33
C LYS C 240 19.92 -10.25 -13.22
N TRP C 241 19.94 -8.91 -13.13
CA TRP C 241 18.72 -8.10 -13.00
C TRP C 241 17.82 -8.17 -14.22
N ARG C 242 18.45 -8.18 -15.41
CA ARG C 242 17.74 -8.21 -16.67
C ARG C 242 16.78 -9.40 -16.75
N ARG C 243 17.28 -10.60 -16.43
CA ARG C 243 16.45 -11.82 -16.42
C ARG C 243 15.33 -11.88 -15.35
N LYS C 244 15.39 -11.02 -14.33
CA LYS C 244 14.33 -10.94 -13.32
C LYS C 244 13.09 -10.24 -13.84
N VAL C 245 13.27 -9.39 -14.85
CA VAL C 245 12.22 -8.50 -15.35
C VAL C 245 11.23 -9.27 -16.23
N PRO C 246 9.95 -9.36 -15.81
CA PRO C 246 8.94 -10.11 -16.58
C PRO C 246 8.81 -9.62 -18.04
N LEU C 247 8.75 -8.31 -18.23
CA LEU C 247 8.54 -7.73 -19.54
C LEU C 247 9.83 -7.61 -20.36
N GLY C 248 10.17 -8.67 -21.07
CA GLY C 248 11.27 -8.64 -22.03
C GLY C 248 12.67 -8.86 -21.48
N ARG C 249 12.78 -9.21 -20.20
CA ARG C 249 14.07 -9.58 -19.57
C ARG C 249 15.20 -8.57 -19.91
N ARG C 250 14.84 -7.29 -19.84
CA ARG C 250 15.74 -6.19 -20.19
C ARG C 250 15.42 -4.99 -19.31
N GLU C 251 16.38 -4.07 -19.20
CA GLU C 251 16.16 -2.81 -18.49
C GLU C 251 15.35 -1.77 -19.30
N ALA C 252 14.72 -0.84 -18.59
CA ALA C 252 14.04 0.30 -19.23
C ALA C 252 15.11 1.15 -19.86
N SER C 253 14.88 1.60 -21.08
CA SER C 253 15.66 2.73 -21.55
C SER C 253 15.28 3.98 -20.73
N ALA C 254 16.18 4.95 -20.71
CA ALA C 254 15.89 6.21 -20.03
C ALA C 254 14.68 6.88 -20.71
N GLU C 255 14.56 6.64 -22.01
CA GLU C 255 13.46 7.22 -22.79
CA GLU C 255 13.47 7.21 -22.81
C GLU C 255 12.10 6.71 -22.32
N GLN C 256 12.02 5.45 -21.92
CA GLN C 256 10.77 4.90 -21.35
C GLN C 256 10.37 5.61 -20.05
N ILE C 257 11.37 5.94 -19.21
CA ILE C 257 11.09 6.76 -18.00
C ILE C 257 10.60 8.15 -18.40
N ALA C 258 11.29 8.75 -19.38
CA ALA C 258 10.92 10.09 -19.82
C ALA C 258 9.50 10.16 -20.38
N ASP C 259 9.07 9.11 -21.07
CA ASP C 259 7.71 8.99 -21.63
C ASP C 259 6.64 9.19 -20.53
N ALA C 260 6.85 8.58 -19.36
CA ALA C 260 5.94 8.67 -18.23
C ALA C 260 5.95 10.07 -17.64
N VAL C 261 7.13 10.68 -17.58
CA VAL C 261 7.22 12.10 -17.15
C VAL C 261 6.43 13.00 -18.10
N ILE C 262 6.68 12.86 -19.41
CA ILE C 262 5.94 13.61 -20.43
C ILE C 262 4.43 13.44 -20.27
N PHE C 263 3.95 12.21 -20.06
CA PHE C 263 2.51 12.01 -19.83
C PHE C 263 2.03 12.88 -18.65
N LEU C 264 2.71 12.78 -17.52
CA LEU C 264 2.29 13.47 -16.28
C LEU C 264 2.26 15.01 -16.38
N VAL C 265 3.19 15.60 -17.15
CA VAL C 265 3.20 17.06 -17.31
C VAL C 265 2.13 17.54 -18.33
N SER C 266 1.62 16.59 -19.13
CA SER C 266 0.75 16.91 -20.27
C SER C 266 -0.67 17.26 -19.91
N GLY C 267 -1.38 17.85 -20.90
CA GLY C 267 -2.82 18.08 -20.82
C GLY C 267 -3.63 16.80 -20.59
N SER C 268 -3.08 15.65 -20.98
CA SER C 268 -3.73 14.34 -20.73
C SER C 268 -3.70 13.86 -19.29
N ALA C 269 -2.97 14.56 -18.40
CA ALA C 269 -2.92 14.19 -16.98
C ALA C 269 -3.46 15.29 -16.09
N GLN C 270 -4.33 16.14 -16.65
CA GLN C 270 -4.84 17.31 -15.92
C GLN C 270 -5.62 17.04 -14.62
N TYR C 271 -6.11 15.82 -14.42
CA TYR C 271 -6.78 15.46 -13.17
C TYR C 271 -5.95 14.56 -12.26
N ILE C 272 -4.72 14.27 -12.67
CA ILE C 272 -3.87 13.36 -11.95
C ILE C 272 -2.95 14.15 -11.00
N THR C 273 -3.12 13.93 -9.70
CA THR C 273 -2.17 14.43 -8.73
C THR C 273 -2.03 13.45 -7.58
N GLY C 274 -0.83 13.38 -7.00
CA GLY C 274 -0.51 12.46 -5.91
C GLY C 274 -0.42 11.02 -6.38
N SER C 275 -0.20 10.83 -7.68
CA SER C 275 -0.10 9.50 -8.26
CA SER C 275 -0.11 9.52 -8.30
C SER C 275 1.35 9.17 -8.58
N ILE C 276 1.73 7.92 -8.36
CA ILE C 276 3.07 7.49 -8.71
C ILE C 276 2.98 6.35 -9.74
N ILE C 277 3.56 6.57 -10.92
CA ILE C 277 3.51 5.61 -11.99
C ILE C 277 4.77 4.77 -11.97
N LYS C 278 4.61 3.47 -11.69
CA LYS C 278 5.70 2.52 -11.82
C LYS C 278 6.02 2.28 -13.29
N VAL C 279 7.30 2.37 -13.63
CA VAL C 279 7.79 2.00 -14.96
C VAL C 279 8.90 1.01 -14.75
N ASP C 280 8.53 -0.25 -14.47
CA ASP C 280 9.51 -1.25 -14.04
C ASP C 280 9.37 -2.59 -14.74
N GLY C 281 8.54 -2.66 -15.78
CA GLY C 281 8.38 -3.89 -16.59
C GLY C 281 7.93 -5.06 -15.74
N GLY C 282 7.24 -4.75 -14.63
CA GLY C 282 6.68 -5.77 -13.75
C GLY C 282 7.63 -6.25 -12.66
N LEU C 283 8.83 -5.67 -12.57
CA LEU C 283 9.89 -6.17 -11.63
C LEU C 283 9.39 -6.27 -10.19
N SER C 284 8.65 -5.26 -9.73
CA SER C 284 8.22 -5.25 -8.33
C SER C 284 7.16 -6.31 -8.00
N LEU C 285 6.57 -6.94 -9.03
CA LEU C 285 5.62 -8.07 -8.84
C LEU C 285 6.28 -9.44 -8.57
N VAL C 286 7.59 -9.53 -8.77
CA VAL C 286 8.26 -10.81 -8.72
C VAL C 286 8.74 -11.13 -7.30
N HIS C 287 8.27 -12.24 -6.76
CA HIS C 287 8.66 -12.61 -5.41
C HIS C 287 10.09 -13.14 -5.35
N ALA C 288 10.64 -13.22 -4.14
CA ALA C 288 12.00 -13.73 -3.92
C ALA C 288 12.18 -15.11 -4.49
N GLU D 22 -2.50 -1.93 -41.17
CA GLU D 22 -3.79 -2.46 -40.62
C GLU D 22 -4.06 -1.92 -39.22
N ALA D 23 -5.32 -1.58 -38.95
CA ALA D 23 -5.68 -0.88 -37.72
C ALA D 23 -5.82 -1.89 -36.57
N PRO D 24 -5.26 -1.56 -35.39
CA PRO D 24 -5.47 -2.44 -34.23
C PRO D 24 -6.94 -2.44 -33.78
N ALA D 25 -7.32 -3.39 -32.93
CA ALA D 25 -8.70 -3.51 -32.47
C ALA D 25 -8.79 -3.63 -30.94
N ALA D 26 -9.86 -3.07 -30.37
CA ALA D 26 -10.05 -3.07 -28.93
C ALA D 26 -11.45 -3.51 -28.53
N VAL D 27 -11.52 -4.25 -27.43
CA VAL D 27 -12.80 -4.54 -26.77
C VAL D 27 -12.93 -3.61 -25.55
N VAL D 28 -14.05 -2.87 -25.46
CA VAL D 28 -14.33 -2.07 -24.26
C VAL D 28 -15.64 -2.59 -23.66
N THR D 29 -15.60 -3.12 -22.43
CA THR D 29 -16.84 -3.60 -21.79
C THR D 29 -17.63 -2.43 -21.21
N GLY D 30 -18.97 -2.52 -21.23
CA GLY D 30 -19.83 -1.47 -20.70
C GLY D 30 -19.57 -0.11 -21.38
N ALA D 31 -19.47 -0.13 -22.71
CA ALA D 31 -19.02 1.04 -23.51
C ALA D 31 -20.15 1.91 -24.09
N ALA D 32 -21.40 1.61 -23.74
CA ALA D 32 -22.53 2.38 -24.33
C ALA D 32 -22.67 3.78 -23.75
N LYS D 33 -22.17 3.96 -22.52
CA LYS D 33 -22.44 5.19 -21.78
C LYS D 33 -21.24 5.62 -20.95
N ARG D 34 -21.26 6.87 -20.51
CA ARG D 34 -20.39 7.34 -19.43
C ARG D 34 -18.91 7.07 -19.73
N ILE D 35 -18.18 6.48 -18.78
CA ILE D 35 -16.73 6.40 -18.92
C ILE D 35 -16.35 5.42 -20.02
N GLY D 36 -17.02 4.27 -20.09
CA GLY D 36 -16.70 3.30 -21.14
C GLY D 36 -16.88 3.84 -22.57
N ARG D 37 -17.92 4.65 -22.77
CA ARG D 37 -18.14 5.33 -24.05
C ARG D 37 -16.99 6.30 -24.38
N ALA D 38 -16.56 7.08 -23.39
CA ALA D 38 -15.44 8.01 -23.63
C ALA D 38 -14.17 7.25 -23.99
N ILE D 39 -13.97 6.09 -23.36
CA ILE D 39 -12.81 5.25 -23.63
C ILE D 39 -12.94 4.72 -25.07
N ALA D 40 -14.11 4.21 -25.44
CA ALA D 40 -14.31 3.71 -26.80
C ALA D 40 -14.05 4.82 -27.84
N VAL D 41 -14.61 6.00 -27.59
CA VAL D 41 -14.44 7.13 -28.50
C VAL D 41 -12.98 7.49 -28.68
N LYS D 42 -12.25 7.64 -27.57
CA LYS D 42 -10.84 8.02 -27.64
C LYS D 42 -10.02 6.95 -28.33
N LEU D 43 -10.27 5.68 -28.04
CA LEU D 43 -9.59 4.60 -28.77
C LEU D 43 -9.81 4.71 -30.29
N HIS D 44 -11.07 4.93 -30.65
CA HIS D 44 -11.44 5.06 -32.06
C HIS D 44 -10.75 6.26 -32.72
N GLN D 45 -10.71 7.39 -32.02
CA GLN D 45 -10.04 8.61 -32.51
C GLN D 45 -8.53 8.43 -32.67
N THR D 46 -7.95 7.57 -31.84
CA THR D 46 -6.55 7.20 -31.88
C THR D 46 -6.23 6.21 -33.03
N GLY D 47 -7.26 5.62 -33.64
CA GLY D 47 -7.05 4.72 -34.78
C GLY D 47 -7.52 3.28 -34.63
N TYR D 48 -8.09 2.96 -33.46
CA TYR D 48 -8.56 1.60 -33.19
C TYR D 48 -9.95 1.32 -33.78
N ARG D 49 -10.13 0.08 -34.24
CA ARG D 49 -11.47 -0.48 -34.43
C ARG D 49 -11.97 -1.00 -33.06
N VAL D 50 -13.27 -0.87 -32.79
CA VAL D 50 -13.78 -1.18 -31.45
C VAL D 50 -14.98 -2.11 -31.41
N VAL D 51 -15.00 -2.98 -30.40
CA VAL D 51 -16.19 -3.72 -30.02
C VAL D 51 -16.78 -2.98 -28.84
N ILE D 52 -17.99 -2.50 -29.03
CA ILE D 52 -18.72 -1.80 -27.99
C ILE D 52 -19.59 -2.81 -27.26
N HIS D 53 -19.10 -3.33 -26.13
CA HIS D 53 -19.93 -4.22 -25.34
C HIS D 53 -20.94 -3.44 -24.46
N TYR D 54 -22.11 -4.03 -24.30
CA TYR D 54 -23.15 -3.46 -23.44
C TYR D 54 -24.00 -4.59 -22.87
N HIS D 55 -24.83 -4.24 -21.89
CA HIS D 55 -25.71 -5.20 -21.26
C HIS D 55 -27.14 -4.79 -21.55
N ASN D 56 -27.61 -3.72 -20.92
CA ASN D 56 -28.97 -3.23 -21.12
C ASN D 56 -29.07 -2.03 -22.07
N SER D 57 -27.99 -1.28 -22.27
CA SER D 57 -28.12 -0.03 -23.02
C SER D 57 -27.98 -0.23 -24.53
N ALA D 58 -28.92 -0.95 -25.13
CA ALA D 58 -28.90 -1.30 -26.55
C ALA D 58 -28.93 -0.07 -27.45
N GLU D 59 -29.86 0.85 -27.17
CA GLU D 59 -30.01 2.05 -28.00
C GLU D 59 -28.75 2.92 -28.01
N ALA D 60 -28.18 3.18 -26.83
CA ALA D 60 -26.95 3.96 -26.68
C ALA D 60 -25.76 3.28 -27.38
N ALA D 61 -25.65 1.97 -27.22
CA ALA D 61 -24.60 1.20 -27.89
C ALA D 61 -24.67 1.32 -29.42
N VAL D 62 -25.83 1.02 -30.00
CA VAL D 62 -26.01 1.06 -31.45
C VAL D 62 -25.79 2.50 -31.95
N SER D 63 -26.27 3.48 -31.19
CA SER D 63 -26.07 4.89 -31.48
C SER D 63 -24.57 5.25 -31.57
N LEU D 64 -23.79 4.77 -30.61
CA LEU D 64 -22.33 4.96 -30.64
C LEU D 64 -21.65 4.30 -31.86
N ALA D 65 -21.91 3.01 -32.09
CA ALA D 65 -21.35 2.31 -33.25
C ALA D 65 -21.65 3.06 -34.55
N ASP D 66 -22.88 3.59 -34.65
CA ASP D 66 -23.33 4.41 -35.80
C ASP D 66 -22.48 5.66 -35.97
N GLU D 67 -22.34 6.45 -34.89
CA GLU D 67 -21.48 7.62 -34.86
C GLU D 67 -20.08 7.28 -35.36
N LEU D 68 -19.50 6.22 -34.80
CA LEU D 68 -18.13 5.83 -35.12
C LEU D 68 -17.96 5.32 -36.55
N ASN D 69 -18.89 4.50 -37.04
CA ASN D 69 -18.82 4.00 -38.42
C ASN D 69 -19.01 5.07 -39.50
N LYS D 70 -19.78 6.12 -39.16
CA LYS D 70 -19.98 7.28 -40.05
C LYS D 70 -18.63 7.94 -40.27
N GLU D 71 -17.86 7.99 -39.18
CA GLU D 71 -16.52 8.56 -39.17
C GLU D 71 -15.50 7.73 -39.97
N ARG D 72 -15.50 6.40 -39.78
CA ARG D 72 -14.72 5.49 -40.62
C ARG D 72 -15.52 4.19 -40.85
N SER D 73 -15.83 3.86 -42.10
CA SER D 73 -16.65 2.66 -42.36
C SER D 73 -16.07 1.35 -41.78
N ASN D 74 -16.99 0.44 -41.41
CA ASN D 74 -16.57 -0.88 -40.87
C ASN D 74 -15.48 -0.80 -39.76
N THR D 75 -15.66 0.08 -38.75
CA THR D 75 -14.72 0.19 -37.61
C THR D 75 -15.30 0.00 -36.20
N ALA D 76 -16.60 -0.28 -36.11
CA ALA D 76 -17.25 -0.49 -34.80
C ALA D 76 -18.38 -1.50 -34.90
N VAL D 77 -18.47 -2.37 -33.89
CA VAL D 77 -19.59 -3.29 -33.74
C VAL D 77 -20.03 -3.28 -32.29
N VAL D 78 -21.28 -3.64 -32.03
CA VAL D 78 -21.74 -3.87 -30.65
C VAL D 78 -21.77 -5.37 -30.33
N CSX D 79 -21.80 -5.65 -29.03
CA CSX D 79 -21.83 -7.01 -28.51
CB CSX D 79 -20.39 -7.50 -28.40
SG CSX D 79 -20.29 -9.10 -27.50
C CSX D 79 -22.52 -7.02 -27.18
O CSX D 79 -22.01 -6.46 -26.21
OD CSX D 79 -20.23 -10.40 -28.66
N GLN D 80 -23.70 -7.64 -27.11
CA GLN D 80 -24.51 -7.68 -25.89
C GLN D 80 -24.11 -8.87 -25.02
N ALA D 81 -23.88 -8.62 -23.73
CA ALA D 81 -23.55 -9.70 -22.81
C ALA D 81 -23.78 -9.31 -21.36
N ASP D 82 -24.42 -10.22 -20.63
CA ASP D 82 -24.53 -10.08 -19.19
C ASP D 82 -23.23 -10.62 -18.57
N LEU D 83 -22.61 -9.80 -17.71
CA LEU D 83 -21.34 -10.18 -17.08
C LEU D 83 -21.49 -10.64 -15.60
N THR D 84 -22.72 -10.94 -15.21
CA THR D 84 -22.99 -11.54 -13.90
C THR D 84 -22.30 -12.90 -13.85
N ASN D 85 -21.71 -13.24 -12.71
CA ASN D 85 -21.13 -14.57 -12.50
C ASN D 85 -22.19 -15.68 -12.68
N SER D 86 -21.84 -16.71 -13.44
CA SER D 86 -22.68 -17.89 -13.60
C SER D 86 -21.86 -18.96 -14.30
N ASN D 87 -22.42 -20.15 -14.45
CA ASN D 87 -21.71 -21.25 -15.12
C ASN D 87 -21.50 -21.03 -16.63
N VAL D 88 -22.22 -20.08 -17.21
CA VAL D 88 -22.03 -19.71 -18.62
C VAL D 88 -21.26 -18.40 -18.83
N LEU D 89 -20.83 -17.76 -17.74
CA LEU D 89 -20.05 -16.53 -17.91
C LEU D 89 -18.78 -16.78 -18.72
N PRO D 90 -18.09 -17.92 -18.47
CA PRO D 90 -16.92 -18.19 -19.33
C PRO D 90 -17.25 -18.21 -20.83
N ALA D 91 -18.37 -18.83 -21.21
CA ALA D 91 -18.80 -18.79 -22.61
C ALA D 91 -19.06 -17.37 -23.11
N SER D 92 -19.75 -16.56 -22.32
CA SER D 92 -20.06 -15.17 -22.73
C SER D 92 -18.77 -14.37 -22.94
N CYS D 93 -17.80 -14.56 -22.04
CA CYS D 93 -16.54 -13.83 -22.14
C CYS D 93 -15.73 -14.27 -23.35
N GLU D 94 -15.74 -15.57 -23.61
CA GLU D 94 -15.11 -16.10 -24.81
C GLU D 94 -15.75 -15.52 -26.08
N GLU D 95 -17.08 -15.43 -26.08
CA GLU D 95 -17.82 -14.85 -27.20
C GLU D 95 -17.50 -13.36 -27.45
N ILE D 96 -17.39 -12.57 -26.37
CA ILE D 96 -16.95 -11.16 -26.50
C ILE D 96 -15.61 -11.01 -27.22
N ILE D 97 -14.60 -11.77 -26.76
CA ILE D 97 -13.29 -11.79 -27.44
C ILE D 97 -13.41 -12.30 -28.90
N ASN D 98 -14.05 -13.45 -29.10
CA ASN D 98 -14.35 -13.98 -30.45
C ASN D 98 -14.99 -12.98 -31.40
N SER D 99 -15.90 -12.14 -30.88
CA SER D 99 -16.58 -11.13 -31.70
CA SER D 99 -16.59 -11.13 -31.70
C SER D 99 -15.60 -10.13 -32.28
N CYS D 100 -14.59 -9.75 -31.50
CA CYS D 100 -13.54 -8.85 -32.00
C CYS D 100 -12.76 -9.50 -33.13
N PHE D 101 -12.42 -10.78 -32.97
CA PHE D 101 -11.70 -11.49 -34.01
C PHE D 101 -12.55 -11.69 -35.28
N ARG D 102 -13.85 -11.94 -35.08
CA ARG D 102 -14.76 -12.20 -36.20
C ARG D 102 -14.88 -10.92 -37.03
N ALA D 103 -15.05 -9.79 -36.35
CA ALA D 103 -15.25 -8.48 -37.00
C ALA D 103 -13.97 -7.93 -37.59
N PHE D 104 -12.86 -8.03 -36.86
CA PHE D 104 -11.63 -7.31 -37.20
C PHE D 104 -10.40 -8.15 -37.47
N GLY D 105 -10.47 -9.44 -37.16
CA GLY D 105 -9.36 -10.38 -37.39
C GLY D 105 -8.21 -10.29 -36.41
N ARG D 106 -8.39 -9.47 -35.37
CA ARG D 106 -7.38 -9.30 -34.32
C ARG D 106 -8.03 -8.70 -33.07
N CYS D 107 -7.32 -8.77 -31.95
CA CYS D 107 -7.77 -8.13 -30.73
C CYS D 107 -6.53 -7.72 -29.96
N ASP D 108 -6.25 -6.42 -30.00
CA ASP D 108 -5.00 -5.88 -29.43
C ASP D 108 -5.15 -5.36 -28.02
N VAL D 109 -6.33 -4.85 -27.69
CA VAL D 109 -6.60 -4.17 -26.44
C VAL D 109 -7.91 -4.70 -25.83
N LEU D 110 -7.88 -4.98 -24.54
CA LEU D 110 -9.08 -5.27 -23.76
C LEU D 110 -9.19 -4.23 -22.64
N VAL D 111 -10.32 -3.54 -22.58
CA VAL D 111 -10.58 -2.63 -21.47
C VAL D 111 -11.73 -3.17 -20.63
N ASN D 112 -11.44 -3.49 -19.36
CA ASN D 112 -12.46 -4.03 -18.45
C ASN D 112 -13.05 -2.90 -17.64
N ASN D 113 -14.17 -2.38 -18.13
CA ASN D 113 -14.81 -1.18 -17.64
C ASN D 113 -16.17 -1.46 -17.02
N ALA D 114 -16.91 -2.42 -17.58
CA ALA D 114 -18.27 -2.72 -17.11
C ALA D 114 -18.26 -3.04 -15.62
N SER D 115 -19.26 -2.56 -14.89
CA SER D 115 -19.18 -2.68 -13.42
C SER D 115 -20.53 -2.40 -12.78
N ALA D 116 -21.02 -3.37 -11.98
CA ALA D 116 -22.17 -3.12 -11.12
C ALA D 116 -21.70 -2.42 -9.84
N PHE D 117 -22.55 -1.56 -9.31
CA PHE D 117 -22.16 -0.73 -8.17
C PHE D 117 -23.42 -0.35 -7.40
N TYR D 118 -23.53 -0.85 -6.17
CA TYR D 118 -24.67 -0.55 -5.27
C TYR D 118 -24.33 -1.09 -3.88
N PRO D 119 -24.99 -0.54 -2.83
CA PRO D 119 -24.70 -0.97 -1.47
C PRO D 119 -25.19 -2.40 -1.20
N THR D 120 -24.42 -3.13 -0.40
CA THR D 120 -24.80 -4.43 0.11
C THR D 120 -24.47 -4.45 1.62
N PRO D 121 -25.33 -3.83 2.45
CA PRO D 121 -25.06 -3.68 3.88
C PRO D 121 -24.87 -5.03 4.58
N LEU D 122 -23.92 -5.09 5.53
CA LEU D 122 -23.70 -6.32 6.32
C LEU D 122 -24.80 -6.57 7.34
N VAL D 123 -25.37 -5.49 7.88
CA VAL D 123 -26.44 -5.60 8.91
C VAL D 123 -27.78 -5.00 8.47
N GLY D 133 -35.92 -6.55 -2.66
CA GLY D 133 -34.65 -6.35 -3.38
C GLY D 133 -34.08 -7.63 -3.96
N LYS D 134 -32.83 -7.56 -4.43
CA LYS D 134 -32.09 -8.72 -4.92
C LYS D 134 -31.67 -9.61 -3.75
N THR D 135 -31.57 -10.91 -3.99
CA THR D 135 -31.07 -11.85 -3.00
C THR D 135 -29.56 -11.68 -2.87
N VAL D 136 -28.99 -12.11 -1.74
CA VAL D 136 -27.53 -12.02 -1.56
C VAL D 136 -26.77 -12.82 -2.63
N GLU D 137 -27.28 -13.99 -3.04
CA GLU D 137 -26.75 -14.77 -4.19
C GLU D 137 -26.57 -13.89 -5.42
N THR D 138 -27.62 -13.15 -5.77
CA THR D 138 -27.59 -12.28 -6.93
C THR D 138 -26.63 -11.10 -6.76
N GLN D 139 -26.59 -10.52 -5.57
CA GLN D 139 -25.64 -9.43 -5.31
C GLN D 139 -24.19 -9.88 -5.49
N VAL D 140 -23.87 -11.05 -4.97
CA VAL D 140 -22.52 -11.63 -5.07
C VAL D 140 -22.22 -11.86 -6.56
N ALA D 141 -23.12 -12.52 -7.26
CA ALA D 141 -22.93 -12.81 -8.69
C ALA D 141 -22.73 -11.52 -9.53
N GLU D 142 -23.53 -10.47 -9.27
CA GLU D 142 -23.42 -9.24 -10.06
C GLU D 142 -22.15 -8.42 -9.73
N LEU D 143 -21.92 -8.17 -8.44
CA LEU D 143 -20.82 -7.30 -8.01
C LEU D 143 -19.45 -7.96 -8.20
N ILE D 144 -19.34 -9.23 -7.83
CA ILE D 144 -18.08 -9.95 -7.98
C ILE D 144 -17.94 -10.38 -9.44
N GLY D 145 -19.05 -10.74 -10.10
CA GLY D 145 -18.97 -11.14 -11.52
C GLY D 145 -18.42 -10.03 -12.41
N THR D 146 -19.09 -8.88 -12.37
CA THR D 146 -18.79 -7.76 -13.26
C THR D 146 -17.46 -7.17 -12.93
N ASN D 147 -17.18 -6.98 -11.64
CA ASN D 147 -15.96 -6.28 -11.24
C ASN D 147 -14.69 -7.13 -11.24
N ALA D 148 -14.84 -8.46 -11.17
CA ALA D 148 -13.68 -9.32 -10.99
C ALA D 148 -13.67 -10.58 -11.88
N ILE D 149 -14.70 -11.40 -11.80
CA ILE D 149 -14.69 -12.70 -12.49
CA ILE D 149 -14.70 -12.70 -12.51
C ILE D 149 -14.72 -12.54 -14.01
C ILE D 149 -14.72 -12.53 -14.01
N ALA D 150 -15.58 -11.66 -14.49
CA ALA D 150 -15.63 -11.38 -15.94
C ALA D 150 -14.28 -10.84 -16.48
N PRO D 151 -13.69 -9.83 -15.83
CA PRO D 151 -12.31 -9.45 -16.17
C PRO D 151 -11.32 -10.62 -16.20
N PHE D 152 -11.42 -11.52 -15.26
CA PHE D 152 -10.52 -12.69 -15.25
C PHE D 152 -10.75 -13.58 -16.49
N LEU D 153 -12.01 -13.87 -16.77
CA LEU D 153 -12.39 -14.73 -17.91
C LEU D 153 -12.07 -14.08 -19.25
N LEU D 154 -12.36 -12.79 -19.35
CA LEU D 154 -12.03 -12.03 -20.53
C LEU D 154 -10.51 -11.99 -20.77
N THR D 155 -9.76 -11.90 -19.68
CA THR D 155 -8.29 -11.83 -19.75
C THR D 155 -7.78 -13.19 -20.22
N MET D 156 -8.35 -14.26 -19.65
CA MET D 156 -8.07 -15.62 -20.11
C MET D 156 -8.34 -15.82 -21.60
N SER D 157 -9.54 -15.47 -22.04
CA SER D 157 -9.91 -15.64 -23.45
C SER D 157 -9.03 -14.79 -24.37
N PHE D 158 -8.79 -13.54 -23.98
CA PHE D 158 -7.88 -12.62 -24.70
C PHE D 158 -6.51 -13.26 -24.90
N ALA D 159 -5.90 -13.72 -23.80
CA ALA D 159 -4.56 -14.32 -23.81
C ALA D 159 -4.51 -15.58 -24.66
N GLN D 160 -5.52 -16.44 -24.51
CA GLN D 160 -5.50 -17.70 -25.24
C GLN D 160 -5.69 -17.50 -26.72
N ARG D 161 -6.46 -16.48 -27.12
CA ARG D 161 -6.63 -16.19 -28.55
C ARG D 161 -5.36 -15.64 -29.24
N GLN D 162 -4.38 -15.17 -28.47
CA GLN D 162 -3.15 -14.62 -29.05
C GLN D 162 -2.15 -15.71 -29.45
N SER D 172 3.82 -6.02 -32.26
CA SER D 172 2.50 -5.65 -31.77
C SER D 172 2.56 -5.10 -30.33
N ASN D 173 1.48 -4.43 -29.92
CA ASN D 173 1.41 -3.79 -28.61
C ASN D 173 0.12 -4.24 -27.95
N LEU D 174 0.16 -5.45 -27.41
CA LEU D 174 -0.99 -6.05 -26.75
C LEU D 174 -1.08 -5.58 -25.32
N SER D 175 -2.27 -5.16 -24.88
CA SER D 175 -2.45 -4.81 -23.47
C SER D 175 -3.89 -4.84 -22.97
N ILE D 176 -4.01 -4.91 -21.65
CA ILE D 176 -5.29 -4.92 -20.97
C ILE D 176 -5.30 -3.77 -19.97
N VAL D 177 -6.44 -3.07 -19.87
CA VAL D 177 -6.51 -2.01 -18.86
C VAL D 177 -7.79 -2.26 -18.05
N ASN D 178 -7.62 -2.43 -16.74
CA ASN D 178 -8.75 -2.62 -15.83
C ASN D 178 -9.17 -1.34 -15.13
N LEU D 179 -10.46 -1.04 -15.14
CA LEU D 179 -10.97 0.13 -14.43
C LEU D 179 -11.19 -0.24 -12.97
N CYS D 180 -10.35 0.35 -12.13
CA CYS D 180 -10.32 0.06 -10.70
CA CYS D 180 -10.36 0.05 -10.70
C CYS D 180 -11.01 1.20 -9.94
N ASP D 181 -10.50 1.52 -8.75
CA ASP D 181 -11.15 2.52 -7.92
C ASP D 181 -10.11 3.08 -6.95
N ALA D 182 -9.90 4.40 -7.03
CA ALA D 182 -8.88 5.08 -6.20
C ALA D 182 -9.16 4.93 -4.71
N MET D 183 -10.43 4.67 -4.39
CA MET D 183 -10.90 4.65 -2.99
C MET D 183 -10.97 3.22 -2.37
N VAL D 184 -10.36 2.23 -2.97
CA VAL D 184 -10.54 0.85 -2.41
C VAL D 184 -10.10 0.70 -0.96
N ASP D 185 -9.16 1.52 -0.52
CA ASP D 185 -8.67 1.45 0.86
C ASP D 185 -9.41 2.40 1.80
N GLN D 186 -10.29 3.23 1.24
CA GLN D 186 -11.14 4.13 2.00
C GLN D 186 -12.55 4.00 1.44
N PRO D 187 -13.13 2.79 1.56
CA PRO D 187 -14.34 2.47 0.80
C PRO D 187 -15.60 3.23 1.27
N CSX D 188 -16.57 3.34 0.38
CA CSX D 188 -17.91 3.79 0.74
CB CSX D 188 -18.79 3.67 -0.48
SG CSX D 188 -18.35 4.97 -1.70
C CSX D 188 -18.53 2.86 1.75
O CSX D 188 -18.44 1.64 1.59
OD CSX D 188 -18.74 6.47 -0.87
N MET D 189 -19.19 3.42 2.76
CA MET D 189 -19.84 2.62 3.79
C MET D 189 -20.91 1.69 3.18
N ALA D 190 -20.92 0.43 3.59
CA ALA D 190 -21.91 -0.57 3.13
C ALA D 190 -21.76 -1.03 1.67
N PHE D 191 -20.57 -0.87 1.10
CA PHE D 191 -20.32 -1.32 -0.25
C PHE D 191 -19.30 -2.49 -0.23
N SER D 192 -19.38 -3.39 0.77
CA SER D 192 -18.36 -4.45 0.90
CA SER D 192 -18.39 -4.47 0.92
C SER D 192 -18.19 -5.30 -0.35
N LEU D 193 -19.28 -5.75 -0.95
CA LEU D 193 -19.13 -6.66 -2.09
C LEU D 193 -18.50 -5.95 -3.30
N TYR D 194 -18.99 -4.75 -3.58
CA TYR D 194 -18.34 -3.90 -4.59
C TYR D 194 -16.82 -3.72 -4.34
N ASN D 195 -16.46 -3.36 -3.11
CA ASN D 195 -15.07 -3.16 -2.71
CA ASN D 195 -15.07 -3.16 -2.77
C ASN D 195 -14.22 -4.43 -2.85
N MET D 196 -14.78 -5.56 -2.42
CA MET D 196 -14.11 -6.86 -2.59
C MET D 196 -13.85 -7.08 -4.09
N GLY D 197 -14.87 -6.79 -4.90
CA GLY D 197 -14.75 -6.92 -6.35
C GLY D 197 -13.61 -6.08 -6.91
N LYS D 198 -13.54 -4.82 -6.50
CA LYS D 198 -12.47 -3.95 -6.99
C LYS D 198 -11.10 -4.38 -6.44
N HIS D 199 -11.05 -4.81 -5.17
CA HIS D 199 -9.77 -5.38 -4.64
C HIS D 199 -9.29 -6.58 -5.45
N ALA D 200 -10.23 -7.50 -5.74
CA ALA D 200 -9.91 -8.65 -6.58
C ALA D 200 -9.34 -8.21 -7.95
N LEU D 201 -9.89 -7.14 -8.50
CA LEU D 201 -9.44 -6.61 -9.80
C LEU D 201 -7.99 -6.09 -9.73
N VAL D 202 -7.63 -5.48 -8.59
CA VAL D 202 -6.22 -5.10 -8.37
C VAL D 202 -5.37 -6.36 -8.40
N GLY D 203 -5.82 -7.39 -7.68
CA GLY D 203 -5.06 -8.65 -7.70
C GLY D 203 -4.97 -9.25 -9.06
N LEU D 204 -6.05 -9.21 -9.82
CA LEU D 204 -5.99 -9.72 -11.22
C LEU D 204 -4.95 -8.94 -12.04
N THR D 205 -4.98 -7.61 -11.94
CA THR D 205 -4.04 -6.74 -12.66
C THR D 205 -2.58 -7.18 -12.40
N GLN D 206 -2.24 -7.40 -11.12
CA GLN D 206 -0.91 -7.81 -10.74
C GLN D 206 -0.58 -9.22 -11.21
N SER D 207 -1.47 -10.20 -10.94
CA SER D 207 -1.19 -11.60 -11.31
C SER D 207 -1.12 -11.74 -12.82
N ALA D 208 -2.03 -11.08 -13.54
CA ALA D 208 -2.01 -11.23 -15.01
C ALA D 208 -0.82 -10.51 -15.65
N ALA D 209 -0.41 -9.38 -15.07
CA ALA D 209 0.76 -8.67 -15.59
C ALA D 209 1.95 -9.63 -15.46
N LEU D 210 2.06 -10.31 -14.33
CA LEU D 210 3.21 -11.18 -14.07
C LEU D 210 3.22 -12.32 -15.08
N GLU D 211 2.07 -12.98 -15.20
CA GLU D 211 1.95 -14.23 -15.98
C GLU D 211 1.92 -14.07 -17.50
N LEU D 212 1.40 -12.93 -17.97
CA LEU D 212 1.27 -12.61 -19.40
C LEU D 212 2.43 -11.81 -19.99
N ALA D 213 3.29 -11.27 -19.12
CA ALA D 213 4.50 -10.56 -19.60
C ALA D 213 5.35 -11.36 -20.62
N PRO D 214 5.60 -12.67 -20.38
CA PRO D 214 6.31 -13.48 -21.38
C PRO D 214 5.65 -13.52 -22.76
N TYR D 215 4.35 -13.23 -22.83
CA TYR D 215 3.63 -13.20 -24.12
C TYR D 215 3.54 -11.80 -24.75
N GLY D 216 4.25 -10.84 -24.17
CA GLY D 216 4.17 -9.44 -24.60
C GLY D 216 2.86 -8.73 -24.29
N ILE D 217 2.03 -9.30 -23.41
CA ILE D 217 0.78 -8.61 -23.03
C ILE D 217 1.00 -7.84 -21.71
N ARG D 218 0.76 -6.53 -21.73
CA ARG D 218 0.85 -5.70 -20.51
C ARG D 218 -0.52 -5.56 -19.87
N VAL D 219 -0.56 -5.44 -18.56
CA VAL D 219 -1.82 -5.40 -17.85
C VAL D 219 -1.70 -4.31 -16.82
N ASN D 220 -2.56 -3.30 -16.92
CA ASN D 220 -2.47 -2.17 -16.03
C ASN D 220 -3.86 -1.76 -15.62
N GLY D 221 -3.92 -0.80 -14.73
CA GLY D 221 -5.18 -0.27 -14.23
C GLY D 221 -5.27 1.25 -14.25
N VAL D 222 -6.50 1.75 -14.31
CA VAL D 222 -6.77 3.18 -14.14
C VAL D 222 -7.79 3.20 -13.01
N ALA D 223 -7.57 4.07 -12.01
CA ALA D 223 -8.35 4.11 -10.79
C ALA D 223 -8.97 5.48 -10.63
N PRO D 224 -10.19 5.65 -11.13
CA PRO D 224 -10.86 6.92 -10.88
C PRO D 224 -11.17 7.12 -9.40
N GLY D 225 -11.28 8.39 -8.99
CA GLY D 225 -11.83 8.73 -7.69
C GLY D 225 -13.31 9.02 -7.83
N VAL D 226 -13.66 10.30 -7.81
CA VAL D 226 -15.02 10.72 -8.08
C VAL D 226 -14.98 11.17 -9.53
N SER D 227 -15.73 10.48 -10.38
CA SER D 227 -15.86 10.84 -11.77
C SER D 227 -17.36 11.05 -12.00
N LEU D 228 -17.86 10.72 -13.17
CA LEU D 228 -19.29 10.98 -13.49
C LEU D 228 -20.17 10.44 -12.37
N LEU D 229 -20.98 11.32 -11.81
CA LEU D 229 -21.77 11.01 -10.61
C LEU D 229 -23.09 10.31 -10.99
N PRO D 230 -23.79 9.67 -10.02
CA PRO D 230 -24.97 8.90 -10.42
C PRO D 230 -26.06 9.81 -10.96
N VAL D 231 -26.77 9.36 -11.99
CA VAL D 231 -27.94 10.09 -12.48
C VAL D 231 -29.00 10.12 -11.37
N ALA D 232 -29.06 9.02 -10.62
CA ALA D 232 -29.93 8.87 -9.45
C ALA D 232 -29.70 9.97 -8.39
N MET D 233 -28.45 10.10 -7.95
CA MET D 233 -28.05 10.99 -6.86
C MET D 233 -28.49 12.46 -7.02
N GLY D 234 -28.89 13.07 -5.90
CA GLY D 234 -29.30 14.50 -5.85
C GLY D 234 -28.14 15.45 -6.05
N GLU D 235 -28.44 16.73 -6.24
CA GLU D 235 -27.42 17.73 -6.58
C GLU D 235 -26.59 18.30 -5.41
N GLU D 236 -27.22 18.50 -4.26
CA GLU D 236 -26.53 18.97 -3.07
C GLU D 236 -25.51 17.92 -2.59
N GLU D 237 -25.86 16.64 -2.79
CA GLU D 237 -25.00 15.51 -2.49
C GLU D 237 -23.84 15.37 -3.50
N LYS D 238 -24.11 15.71 -4.76
CA LYS D 238 -23.08 15.78 -5.79
C LYS D 238 -22.02 16.82 -5.43
N ASP D 239 -22.47 17.98 -4.97
CA ASP D 239 -21.57 19.06 -4.56
C ASP D 239 -20.81 18.75 -3.28
N LYS D 240 -21.40 17.88 -2.45
CA LYS D 240 -20.70 17.36 -1.27
C LYS D 240 -19.44 16.61 -1.72
N TRP D 241 -19.58 15.69 -2.66
CA TRP D 241 -18.43 14.94 -3.20
C TRP D 241 -17.45 15.82 -3.96
N ARG D 242 -18.01 16.72 -4.77
CA ARG D 242 -17.19 17.66 -5.53
C ARG D 242 -16.26 18.47 -4.62
N ARG D 243 -16.81 19.07 -3.56
CA ARG D 243 -16.03 19.86 -2.58
C ARG D 243 -14.89 19.12 -1.86
N LYS D 244 -14.93 17.79 -1.88
CA LYS D 244 -13.88 16.95 -1.27
C LYS D 244 -12.59 16.90 -2.10
N VAL D 245 -12.71 17.11 -3.41
CA VAL D 245 -11.58 16.92 -4.33
C VAL D 245 -10.65 18.14 -4.29
N PRO D 246 -9.42 17.94 -3.78
CA PRO D 246 -8.41 19.01 -3.67
C PRO D 246 -8.15 19.72 -4.99
N LEU D 247 -8.03 18.98 -6.09
CA LEU D 247 -7.69 19.57 -7.37
C LEU D 247 -8.95 20.04 -8.08
N GLY D 248 -9.35 21.29 -7.82
CA GLY D 248 -10.41 21.91 -8.59
C GLY D 248 -11.83 21.76 -8.05
N ARG D 249 -11.99 21.00 -6.95
CA ARG D 249 -13.29 20.85 -6.32
C ARG D 249 -14.35 20.40 -7.34
N ARG D 250 -13.98 19.41 -8.16
CA ARG D 250 -14.84 18.92 -9.24
C ARG D 250 -14.49 17.47 -9.49
N GLU D 251 -15.44 16.73 -10.07
CA GLU D 251 -15.26 15.32 -10.47
C GLU D 251 -14.47 15.23 -11.79
N ALA D 252 -13.83 14.08 -12.03
CA ALA D 252 -13.20 13.83 -13.31
C ALA D 252 -14.25 13.76 -14.40
N SER D 253 -13.92 14.33 -15.55
CA SER D 253 -14.70 14.07 -16.73
C SER D 253 -14.37 12.67 -17.22
N ALA D 254 -15.29 12.08 -17.99
CA ALA D 254 -15.05 10.76 -18.56
C ALA D 254 -13.83 10.81 -19.46
N GLU D 255 -13.66 11.94 -20.16
CA GLU D 255 -12.54 12.11 -21.06
C GLU D 255 -11.18 12.08 -20.35
N GLN D 256 -11.11 12.66 -19.16
CA GLN D 256 -9.90 12.59 -18.34
C GLN D 256 -9.56 11.16 -17.92
N ILE D 257 -10.57 10.38 -17.56
CA ILE D 257 -10.34 8.95 -17.25
C ILE D 257 -9.82 8.23 -18.51
N ALA D 258 -10.47 8.50 -19.64
CA ALA D 258 -10.07 7.95 -20.95
C ALA D 258 -8.63 8.26 -21.33
N ASP D 259 -8.18 9.48 -21.04
CA ASP D 259 -6.81 9.89 -21.36
C ASP D 259 -5.77 8.93 -20.74
N ALA D 260 -6.02 8.47 -19.51
CA ALA D 260 -5.10 7.62 -18.79
C ALA D 260 -5.10 6.22 -19.43
N VAL D 261 -6.27 5.77 -19.86
CA VAL D 261 -6.39 4.50 -20.59
C VAL D 261 -5.57 4.55 -21.88
N ILE D 262 -5.75 5.63 -22.65
CA ILE D 262 -5.00 5.84 -23.89
C ILE D 262 -3.48 5.81 -23.69
N PHE D 263 -2.99 6.51 -22.66
CA PHE D 263 -1.57 6.44 -22.33
C PHE D 263 -1.13 5.00 -22.15
N LEU D 264 -1.85 4.23 -21.35
CA LEU D 264 -1.43 2.86 -21.00
C LEU D 264 -1.43 1.88 -22.18
N VAL D 265 -2.33 2.09 -23.12
CA VAL D 265 -2.34 1.22 -24.30
C VAL D 265 -1.32 1.66 -25.36
N SER D 266 -0.80 2.89 -25.20
CA SER D 266 0.06 3.50 -26.21
C SER D 266 1.50 2.98 -26.20
N GLY D 267 2.24 3.28 -27.25
CA GLY D 267 3.67 3.01 -27.33
C GLY D 267 4.51 3.76 -26.30
N SER D 268 3.92 4.73 -25.61
CA SER D 268 4.65 5.45 -24.54
C SER D 268 4.60 4.73 -23.18
N ALA D 269 3.96 3.56 -23.14
CA ALA D 269 3.79 2.79 -21.90
C ALA D 269 4.34 1.37 -22.05
N GLN D 270 5.25 1.18 -23.00
CA GLN D 270 5.68 -0.16 -23.38
C GLN D 270 6.51 -0.92 -22.36
N TYR D 271 7.02 -0.21 -21.34
CA TYR D 271 7.69 -0.86 -20.22
C TYR D 271 6.83 -0.88 -18.95
N ILE D 272 5.57 -0.42 -19.04
CA ILE D 272 4.70 -0.34 -17.89
C ILE D 272 3.79 -1.58 -17.87
N THR D 273 3.88 -2.37 -16.79
CA THR D 273 2.92 -3.45 -16.56
C THR D 273 2.75 -3.65 -15.07
N GLY D 274 1.54 -4.00 -14.66
CA GLY D 274 1.18 -4.19 -13.25
C GLY D 274 1.06 -2.86 -12.51
N SER D 275 0.89 -1.76 -13.23
CA SER D 275 0.79 -0.46 -12.58
CA SER D 275 0.80 -0.44 -12.63
C SER D 275 -0.65 0.02 -12.59
N ILE D 276 -1.02 0.76 -11.54
CA ILE D 276 -2.37 1.33 -11.50
C ILE D 276 -2.24 2.85 -11.37
N ILE D 277 -2.83 3.57 -12.32
CA ILE D 277 -2.69 5.02 -12.33
C ILE D 277 -3.94 5.62 -11.67
N LYS D 278 -3.79 6.29 -10.52
CA LYS D 278 -4.95 7.00 -9.94
C LYS D 278 -5.23 8.23 -10.75
N VAL D 279 -6.52 8.49 -11.00
CA VAL D 279 -6.98 9.68 -11.70
C VAL D 279 -8.09 10.23 -10.80
N ASP D 280 -7.68 10.85 -9.70
CA ASP D 280 -8.62 11.20 -8.63
C ASP D 280 -8.53 12.63 -8.07
N GLY D 281 -7.75 13.48 -8.74
CA GLY D 281 -7.57 14.86 -8.26
C GLY D 281 -7.13 14.96 -6.80
N GLY D 282 -6.40 13.94 -6.31
CA GLY D 282 -5.93 13.94 -4.93
C GLY D 282 -6.94 13.51 -3.86
N LEU D 283 -8.14 13.08 -4.27
CA LEU D 283 -9.22 12.67 -3.33
C LEU D 283 -8.74 11.60 -2.30
N SER D 284 -8.04 10.57 -2.76
CA SER D 284 -7.56 9.49 -1.91
C SER D 284 -6.53 9.99 -0.86
N LEU D 285 -6.01 11.21 -1.05
CA LEU D 285 -5.02 11.75 -0.10
C LEU D 285 -5.67 12.47 1.08
N VAL D 286 -6.98 12.67 1.04
CA VAL D 286 -7.67 13.53 2.01
C VAL D 286 -8.15 12.72 3.23
N HIS D 287 -7.75 13.10 4.44
CA HIS D 287 -8.15 12.32 5.62
C HIS D 287 -9.60 12.65 5.94
N ALA D 288 -10.19 11.86 6.83
CA ALA D 288 -11.58 12.06 7.28
C ALA D 288 -11.73 13.43 7.92
PA NAP E . 5.11 13.80 21.44
O1A NAP E . 4.60 14.02 22.79
O2A NAP E . 4.69 14.81 20.43
O5B NAP E . 6.71 13.62 21.47
C5B NAP E . 7.28 12.63 22.33
C4B NAP E . 8.66 13.10 22.76
O4B NAP E . 9.44 13.45 21.66
C3B NAP E . 8.62 14.41 23.54
O3B NAP E . 8.30 14.10 24.86
C2B NAP E . 10.04 14.95 23.34
O2B NAP E . 10.84 14.86 24.52
C1B NAP E . 10.58 14.08 22.17
N9A NAP E . 11.26 15.00 21.24
C8A NAP E . 10.71 16.05 20.52
N7A NAP E . 11.72 16.71 19.90
C5A NAP E . 12.90 16.12 20.25
C6A NAP E . 14.23 16.38 19.92
N6A NAP E . 14.60 17.38 19.10
N1A NAP E . 15.20 15.58 20.46
C2A NAP E . 14.89 14.51 21.30
N3A NAP E . 13.58 14.24 21.63
C4A NAP E . 12.61 15.06 21.11
O3 NAP E . 4.67 12.35 20.98
PN NAP E . 3.31 11.49 21.23
O1N NAP E . 3.39 10.83 22.56
O2N NAP E . 2.17 12.37 20.86
O5D NAP E . 3.39 10.37 20.12
C5D NAP E . 4.21 9.24 20.36
C4D NAP E . 4.72 8.69 19.02
O4D NAP E . 3.58 8.27 18.31
C3D NAP E . 5.44 9.73 18.14
O3D NAP E . 6.43 9.06 17.41
C2D NAP E . 4.36 10.16 17.18
O2D NAP E . 4.78 10.68 15.93
C1D NAP E . 3.52 8.89 17.04
N1N NAP E . 2.12 9.29 16.75
C2N NAP E . 1.38 9.91 17.74
C3N NAP E . 0.06 10.32 17.48
C7N NAP E . -0.77 10.98 18.54
O7N NAP E . -2.14 10.99 18.26
N7N NAP E . -0.25 11.56 19.66
C4N NAP E . -0.50 10.08 16.21
C5N NAP E . 0.27 9.43 15.21
C6N NAP E . 1.59 9.05 15.50
P2B NAP E . 10.86 15.95 25.72
O1X NAP E . 11.74 15.36 26.81
O2X NAP E . 9.44 16.19 26.18
O3X NAP E . 11.37 17.30 25.21
C4 DX2 F . 2.08 13.12 16.02
C6 DX2 F . -0.89 14.57 17.56
C7 DX2 F . -0.30 15.17 18.69
N1 DX2 F . 3.16 14.24 18.25
N2 DX2 F . 5.26 13.45 17.59
N3 DX2 F . 3.41 13.02 16.25
CAG DX2 F . -2.56 14.00 15.94
CAE DX2 F . -3.90 13.96 15.45
CAD DX2 F . -5.03 14.54 16.05
CAF DX2 F . -4.83 15.25 17.20
CAH DX2 F . -3.50 14.94 17.68
CAN DX2 F . -2.19 14.75 17.05
N5 DX2 F . -0.06 13.92 16.68
C4A DX2 F . 1.27 13.80 16.92
N4 DX2 F . 1.49 12.62 14.93
C2 DX2 F . 3.94 13.58 17.36
C8A DX2 F . 1.84 14.36 18.05
N8 DX2 F . 1.04 15.02 18.93
NAB DX2 F . -1.03 15.84 19.61
C ACT G . 2.45 11.72 31.20
O ACT G . 2.15 10.50 31.25
OXT ACT G . 2.19 12.31 30.12
CH3 ACT G . 3.10 12.41 32.35
PA NAP H . -4.90 -25.35 3.98
O1A NAP H . -4.28 -26.48 4.68
O2A NAP H . -4.58 -25.20 2.56
O5B NAP H . -6.53 -25.28 4.07
C5B NAP H . -7.20 -25.09 5.31
C4B NAP H . -8.51 -25.86 5.28
O4B NAP H . -9.32 -25.22 4.33
C3B NAP H . -8.48 -27.27 4.72
O3B NAP H . -8.09 -28.16 5.74
C2B NAP H . -9.93 -27.46 4.21
O2B NAP H . -10.75 -28.24 5.08
C1B NAP H . -10.46 -26.01 4.15
N9A NAP H . -11.08 -25.92 2.83
C8A NAP H . -10.49 -26.04 1.60
N7A NAP H . -11.44 -26.03 0.63
C5A NAP H . -12.66 -25.88 1.25
C6A NAP H . -13.96 -25.80 0.76
N6A NAP H . -14.27 -25.86 -0.54
N1A NAP H . -14.96 -25.67 1.67
C2A NAP H . -14.73 -25.60 3.04
N3A NAP H . -13.45 -25.70 3.55
C4A NAP H . -12.43 -25.83 2.64
O3 NAP H . -4.53 -23.98 4.75
PN NAP H . -3.21 -23.56 5.58
O1N NAP H . -3.20 -24.25 6.88
O2N NAP H . -2.03 -23.83 4.70
O5D NAP H . -3.37 -21.99 5.76
C5D NAP H . -4.35 -21.42 6.59
C4D NAP H . -4.69 -20.02 6.09
O4D NAP H . -3.48 -19.25 6.01
C3D NAP H . -5.35 -20.03 4.72
O3D NAP H . -6.28 -19.00 4.71
C2D NAP H . -4.19 -19.67 3.81
O2D NAP H . -4.51 -19.08 2.58
C1D NAP H . -3.35 -18.72 4.68
N1N NAP H . -1.94 -18.83 4.23
C2N NAP H . -1.23 -19.98 4.45
C3N NAP H . 0.06 -20.04 3.95
C7N NAP H . 0.89 -21.26 4.17
O7N NAP H . 2.23 -21.05 3.97
N7N NAP H . 0.38 -22.43 4.55
C4N NAP H . 0.65 -18.95 3.28
C5N NAP H . -0.08 -17.80 3.07
C6N NAP H . -1.38 -17.76 3.56
P2B NAP H . -10.83 -29.85 5.10
O1X NAP H . -11.75 -30.12 6.30
O2X NAP H . -9.45 -30.38 5.32
O3X NAP H . -11.40 -30.34 3.78
C4 DX2 I . -1.89 -20.83 0.81
C6 DX2 I . 1.07 -23.00 0.78
C7 DX2 I . 0.47 -24.23 1.16
N1 DX2 I . -2.97 -23.22 1.52
N2 DX2 I . -5.07 -22.21 1.66
N3 DX2 I . -3.22 -20.91 1.07
CAG DX2 I . 3.38 -23.84 0.55
CAE DX2 I . 4.73 -23.60 0.25
CAD DX2 I . 5.21 -22.34 -0.11
CAF DX2 I . 4.30 -21.32 -0.14
CAH DX2 I . 2.95 -21.58 0.15
CAN DX2 I . 2.44 -22.83 0.50
N5 DX2 I . 0.26 -21.91 0.69
C4A DX2 I . -1.07 -21.95 0.93
N4 DX2 I . -1.38 -19.62 0.48
C2 DX2 I . -3.75 -22.11 1.41
C8A DX2 I . -1.64 -23.18 1.30
N8 DX2 I . -0.87 -24.29 1.42
NAB DX2 I . 1.19 -25.36 1.29
S1 DTT J . 1.81 -18.97 -3.69
C1 DTT J . 2.22 -17.82 -2.35
C1 DTT J . 1.19 -18.21 -2.17
C2 DTT J . 1.56 -18.21 -1.03
C2 DTT J . 2.00 -18.66 -0.96
O2 DTT J . 0.27 -17.61 -1.03
O2 DTT J . 1.16 -18.56 0.19
C3 DTT J . 2.31 -17.79 0.24
C3 DTT J . 3.27 -17.82 -0.71
O3 DTT J . 2.34 -16.37 0.45
O3 DTT J . 2.91 -16.43 -0.73
C4 DTT J . 3.73 -18.33 0.32
C4 DTT J . 4.39 -18.11 -1.70
S4 DTT J . 4.85 -17.59 -0.87
S4 DTT J . 4.26 -17.28 -3.31
C ACT K . -19.27 -35.25 12.44
O ACT K . -19.99 -35.22 13.46
OXT ACT K . -19.23 -34.18 11.79
CH3 ACT K . -18.49 -36.46 12.01
PA NAP L . 22.09 8.91 -11.41
O1A NAP L . 22.81 8.62 -12.67
O2A NAP L . 22.46 8.00 -10.29
O5B NAP L . 22.25 10.45 -10.97
C5B NAP L . 21.46 11.44 -11.60
C4B NAP L . 22.12 12.79 -11.40
O4B NAP L . 21.96 13.17 -10.05
C3B NAP L . 23.63 12.78 -11.58
O3B NAP L . 24.02 12.93 -12.93
C2B NAP L . 24.07 13.94 -10.70
O2B NAP L . 24.40 15.10 -11.43
C1B NAP L . 22.86 14.21 -9.80
N9A NAP L . 23.40 14.22 -8.45
C8A NAP L . 23.90 13.16 -7.71
N7A NAP L . 24.34 13.66 -6.53
C5A NAP L . 24.15 14.99 -6.51
C6A NAP L . 24.43 16.00 -5.57
N6A NAP L . 25.00 15.74 -4.38
N1A NAP L . 24.09 17.31 -5.90
C2A NAP L . 23.51 17.63 -7.10
N3A NAP L . 23.24 16.64 -8.03
C4A NAP L . 23.56 15.35 -7.73
O3 NAP L . 20.50 8.80 -11.70
PN NAP L . 19.74 7.91 -12.81
O1N NAP L . 19.85 8.61 -14.12
O2N NAP L . 20.22 6.53 -12.67
O5D NAP L . 18.24 7.98 -12.24
C5D NAP L . 17.48 9.18 -12.19
C4D NAP L . 16.31 8.97 -11.22
O4D NAP L . 15.69 7.68 -11.38
C3D NAP L . 16.85 9.04 -9.80
O3D NAP L . 16.00 9.90 -9.09
C2D NAP L . 16.81 7.60 -9.33
O2D NAP L . 16.69 7.44 -7.91
C1D NAP L . 15.65 7.01 -10.13
N1N NAP L . 15.85 5.55 -10.30
C2N NAP L . 16.71 5.08 -11.28
C3N NAP L . 16.91 3.72 -11.44
C7N NAP L . 17.84 3.19 -12.49
O7N NAP L . 17.66 1.88 -12.95
N7N NAP L . 18.83 3.94 -12.99
C4N NAP L . 16.21 2.84 -10.60
C5N NAP L . 15.35 3.30 -9.62
C6N NAP L . 15.16 4.67 -9.48
P2B NAP L . 25.90 15.43 -11.91
O1X NAP L . 26.32 14.31 -12.85
O2X NAP L . 26.89 15.46 -10.77
O3X NAP L . 25.84 16.76 -12.64
C4 DX2 M . 18.93 4.46 -8.21
C6 DX2 M . 20.44 1.88 -10.22
C7 DX2 M . 21.40 2.64 -10.92
N1 DX2 M . 20.80 5.93 -9.59
N2 DX2 M . 20.10 7.86 -8.48
N3 DX2 M . 19.04 5.80 -8.00
CAG DX2 M . 19.22 -0.08 -9.55
CAE DX2 M . 18.95 -1.45 -9.61
CAD DX2 M . 19.69 -2.25 -10.48
CAF DX2 M . 20.69 -1.68 -11.27
CAH DX2 M . 20.96 -0.31 -11.20
CAN DX2 M . 20.23 0.50 -10.34
N5 DX2 M . 19.65 2.52 -9.33
C4A DX2 M . 19.76 3.85 -9.12
N4 DX2 M . 18.02 3.69 -7.56
C2 DX2 M . 19.97 6.53 -8.69
C8A DX2 M . 20.70 4.60 -9.81
N8 DX2 M . 21.52 3.97 -10.71
NAB DX2 M . 22.23 2.07 -11.82
PA NAP N . -21.30 2.58 -14.64
O1A NAP N . -21.98 3.60 -15.46
O2A NAP N . -21.77 2.45 -13.24
O5B NAP N . -21.32 1.15 -15.36
C5B NAP N . -20.73 1.02 -16.62
C4B NAP N . -21.49 -0.03 -17.39
O4B NAP N . -21.34 -1.30 -16.78
C3B NAP N . -23.00 0.21 -17.46
O3B NAP N . -23.32 1.11 -18.51
C2B NAP N . -23.55 -1.21 -17.65
O2B NAP N . -23.94 -1.50 -18.98
C1B NAP N . -22.34 -2.12 -17.30
N9A NAP N . -22.85 -3.16 -16.42
C8A NAP N . -23.46 -3.06 -15.19
N7A NAP N . -23.86 -4.32 -14.82
C5A NAP N . -23.51 -5.19 -15.81
C6A NAP N . -23.68 -6.56 -15.98
N6A NAP N . -24.29 -7.33 -15.06
N1A NAP N . -23.23 -7.15 -17.14
C2A NAP N . -22.60 -6.42 -18.12
N3A NAP N . -22.44 -5.06 -17.96
C4A NAP N . -22.90 -4.47 -16.83
O3 NAP N . -19.73 2.89 -14.60
PN NAP N . -18.96 4.29 -14.67
O1N NAP N . -18.98 4.79 -16.08
O2N NAP N . -19.48 5.10 -13.52
O5D NAP N . -17.43 3.84 -14.29
C5D NAP N . -16.61 3.20 -15.26
C4D NAP N . -15.57 2.38 -14.52
O4D NAP N . -14.82 3.22 -13.63
C3D NAP N . -16.26 1.31 -13.63
O3D NAP N . -15.47 0.13 -13.60
C2D NAP N . -16.20 1.90 -12.25
O2D NAP N . -16.20 0.96 -11.18
C1D NAP N . -14.96 2.79 -12.26
N1N NAP N . -15.12 3.94 -11.30
C2N NAP N . -16.02 4.95 -11.55
C3N NAP N . -16.17 6.02 -10.67
C7N NAP N . -17.17 7.12 -10.93
O7N NAP N . -17.08 8.27 -10.15
N7N NAP N . -18.15 7.02 -11.85
C4N NAP N . -15.38 6.05 -9.52
C5N NAP N . -14.45 5.04 -9.26
C6N NAP N . -14.33 3.97 -10.17
P2B NAP N . -25.37 -1.22 -19.65
O1X NAP N . -25.25 -1.54 -21.12
O2X NAP N . -25.70 0.23 -19.44
O3X NAP N . -26.42 -2.10 -19.00
C4 DX2 O . -18.34 3.25 -9.13
C6 DX2 O . -20.10 6.38 -8.54
C7 DX2 O . -21.11 6.26 -9.54
N1 DX2 O . -20.31 3.08 -11.02
N2 DX2 O . -19.44 1.01 -11.66
N3 DX2 O . -18.42 2.16 -9.93
CAG DX2 O . -20.73 8.55 -7.60
CAE DX2 O . -20.51 9.59 -6.67
CAD DX2 O . -19.47 9.53 -5.76
CAF DX2 O . -18.63 8.40 -5.80
CAH DX2 O . -18.86 7.38 -6.74
CAN DX2 O . -19.92 7.43 -7.65
N5 DX2 O . -19.21 5.37 -8.44
C4A DX2 O . -19.27 4.29 -9.25
N4 DX2 O . -17.37 3.34 -8.19
C2 DX2 O . -19.39 2.09 -10.86
C8A DX2 O . -20.26 4.19 -10.22
N8 DX2 O . -21.17 5.17 -10.36
NAB DX2 O . -22.07 7.20 -9.75
#